data_9DRI
#
_entry.id   9DRI
#
_cell.length_a   80.200
_cell.length_b   71.873
_cell.length_c   90.531
_cell.angle_alpha   90.000
_cell.angle_beta   113.813
_cell.angle_gamma   90.000
#
_symmetry.space_group_name_H-M   'P 1 21 1'
#
loop_
_entity.id
_entity.type
_entity.pdbx_description
1 polymer '8-amino-7-oxononanoate synthase'
2 non-polymer 2-AMINO-2-HYDROXYMETHYL-PROPANE-1,3-DIOL
3 non-polymer '(2E)-2-{[(Z)-{3-hydroxy-2-methyl-5-[(phosphonooxy)methyl]pyridin-4(1H)-ylidene}methyl]imino}but-3-enoic acid'
4 water water
#
_entity_poly.entity_id   1
_entity_poly.type   'polypeptide(L)'
_entity_poly.pdbx_seq_one_letter_code
;MGSSHHHHHHENLYFQSNAANGKVVSEMIAWIKSQKLIAPRMKDAPTFYRNLEEALDVRRSTQSLMTRGQSTWKTGDAID
FCSNDLLSLGLTGELRREFLAELARHPDFSLHSGGSRVMGGNYDYIEAVEQEIADFLGAETALMFNSGSNGNIAIYTAIP
RPGDAIVYDELVHFSTHTGMAASLATTKVAFRHNDLDAFREAMSSTMDSHPMLQDGSRSILVSVESVYSMDGDVCPLVEM
LEIAREICPKGNFAFIADEAHATGVVGPRGVGLVKLLGLENEVAIRLNTCGKALACTGSVVLGNATVRNMLLNYAGSLVN
TTAPSFPSVAVIRAAYNLMRTGATQKAQDNIQHLVKYFFESITSSNIWDKATDLGILSIPVAEDYESLDFVTHIVPIWTR
QKYNWWLFFHLQLAKIAVVPIDYPQVPKGKSRVRVMIHAGNTEEQVDYLVATLCDFANEMIDIEEGGEKGKIPKAAQEIY
ALMAAHA
;
_entity_poly.pdbx_strand_id   B,C
#
# COMPACT_ATOMS: atom_id res chain seq x y z
N VAL A 24 -28.23 2.89 -14.57
CA VAL A 24 -27.70 4.23 -14.81
C VAL A 24 -28.45 5.26 -13.98
N VAL A 25 -29.79 5.17 -13.94
CA VAL A 25 -30.57 6.12 -13.16
C VAL A 25 -30.40 5.86 -11.67
N SER A 26 -30.38 4.59 -11.27
CA SER A 26 -30.16 4.27 -9.86
C SER A 26 -28.80 4.78 -9.39
N GLU A 27 -27.76 4.65 -10.22
CA GLU A 27 -26.47 5.21 -9.87
C GLU A 27 -26.55 6.73 -9.74
N MET A 28 -27.28 7.38 -10.64
CA MET A 28 -27.34 8.84 -10.60
C MET A 28 -28.14 9.33 -9.40
N ILE A 29 -29.25 8.66 -9.09
CA ILE A 29 -30.06 9.04 -7.94
C ILE A 29 -29.24 8.95 -6.67
N ALA A 30 -28.55 7.82 -6.49
CA ALA A 30 -27.72 7.64 -5.30
C ALA A 30 -26.65 8.72 -5.21
N TRP A 31 -26.04 9.06 -6.34
CA TRP A 31 -25.05 10.13 -6.37
C TRP A 31 -25.67 11.45 -5.92
N ILE A 32 -26.84 11.78 -6.46
CA ILE A 32 -27.51 13.04 -6.12
C ILE A 32 -27.73 13.14 -4.62
N LYS A 33 -28.36 12.11 -4.03
CA LYS A 33 -28.64 12.13 -2.59
C LYS A 33 -27.38 12.33 -1.77
N SER A 34 -26.26 11.72 -2.22
CA SER A 34 -25.02 11.80 -1.46
C SER A 34 -24.47 13.21 -1.37
N GLN A 35 -24.90 14.12 -2.25
CA GLN A 35 -24.44 15.50 -2.24
C GLN A 35 -25.27 16.41 -1.34
N LYS A 36 -26.31 15.87 -0.69
CA LYS A 36 -27.17 16.68 0.17
C LYS A 36 -26.49 16.96 1.50
N LEU A 37 -26.48 18.22 1.90
CA LEU A 37 -25.72 18.64 3.07
C LEU A 37 -26.22 17.94 4.32
N ILE A 38 -25.26 17.52 5.16
CA ILE A 38 -25.56 16.74 6.34
C ILE A 38 -25.39 17.54 7.62
N ALA A 39 -24.48 18.52 7.65
CA ALA A 39 -24.17 19.32 8.83
C ALA A 39 -25.39 19.97 9.50
N PRO A 40 -26.44 20.36 8.77
CA PRO A 40 -27.68 20.78 9.45
C PRO A 40 -28.16 19.84 10.54
N ARG A 41 -28.17 18.53 10.29
CA ARG A 41 -28.52 17.57 11.32
C ARG A 41 -27.41 17.44 12.38
N MET A 42 -26.17 17.73 12.03
CA MET A 42 -25.05 17.55 12.96
C MET A 42 -24.82 18.79 13.81
N ALA A 45 -24.94 15.96 17.95
CA ALA A 45 -23.86 15.23 17.28
C ALA A 45 -22.51 15.52 17.93
N PRO A 46 -21.79 14.47 18.32
CA PRO A 46 -20.49 14.68 18.96
C PRO A 46 -19.56 15.47 18.07
N THR A 47 -18.62 16.19 18.71
CA THR A 47 -17.69 17.04 17.97
C THR A 47 -17.03 16.28 16.83
N PHE A 48 -16.49 15.11 17.16
CA PHE A 48 -15.71 14.32 16.19
C PHE A 48 -16.47 14.11 14.90
N TYR A 49 -17.68 13.56 14.99
CA TYR A 49 -18.46 13.31 13.78
C TYR A 49 -18.96 14.59 13.14
N ARG A 50 -19.26 15.63 13.94
CA ARG A 50 -19.74 16.88 13.35
C ARG A 50 -18.69 17.47 12.43
N ASN A 51 -17.44 17.53 12.90
CA ASN A 51 -16.36 18.09 12.09
C ASN A 51 -16.07 17.25 10.85
N LEU A 52 -16.23 15.93 10.94
CA LEU A 52 -16.04 15.09 9.77
C LEU A 52 -17.08 15.40 8.70
N GLU A 53 -18.36 15.41 9.06
CA GLU A 53 -19.40 15.69 8.07
C GLU A 53 -19.32 17.11 7.54
N GLU A 54 -18.78 18.05 8.33
CA GLU A 54 -18.45 19.37 7.81
C GLU A 54 -17.43 19.27 6.68
N ALA A 55 -16.38 18.46 6.87
CA ALA A 55 -15.40 18.29 5.80
C ALA A 55 -16.02 17.62 4.59
N LEU A 56 -16.85 16.59 4.81
CA LEU A 56 -17.58 15.98 3.71
C LEU A 56 -18.51 16.97 3.03
N ASP A 57 -19.08 17.91 3.79
CA ASP A 57 -20.00 18.88 3.19
C ASP A 57 -19.28 19.82 2.23
N VAL A 58 -18.00 20.11 2.48
CA VAL A 58 -17.20 20.89 1.52
C VAL A 58 -17.28 20.26 0.14
N ARG A 59 -17.18 18.93 0.07
CA ARG A 59 -17.27 18.24 -1.20
C ARG A 59 -18.71 18.20 -1.71
N ARG A 60 -19.65 17.92 -0.82
CA ARG A 60 -21.05 17.90 -1.22
C ARG A 60 -21.50 19.24 -1.79
N SER A 61 -20.99 20.35 -1.24
CA SER A 61 -21.43 21.66 -1.68
C SER A 61 -20.95 21.98 -3.10
N THR A 62 -19.88 21.34 -3.57
CA THR A 62 -19.48 21.43 -4.96
C THR A 62 -19.92 20.20 -5.76
N GLN A 63 -20.92 19.46 -5.27
CA GLN A 63 -21.45 18.28 -5.94
C GLN A 63 -20.35 17.33 -6.38
N SER A 64 -19.30 17.20 -5.55
CA SER A 64 -18.16 16.39 -5.90
C SER A 64 -17.82 15.33 -4.86
N LEU A 65 -18.73 15.04 -3.93
CA LEU A 65 -18.52 13.92 -3.03
C LEU A 65 -18.46 12.61 -3.82
N MET A 66 -17.46 11.79 -3.49
CA MET A 66 -17.32 10.48 -4.11
C MET A 66 -17.85 9.40 -3.17
N THR A 67 -18.49 8.38 -3.73
CA THR A 67 -19.02 7.32 -2.88
C THR A 67 -18.82 5.94 -3.50
N ARG A 68 -19.58 5.64 -4.56
CA ARG A 68 -19.59 4.31 -5.16
C ARG A 68 -19.00 4.29 -6.57
N GLY A 69 -18.49 5.42 -7.04
CA GLY A 69 -17.83 5.53 -8.33
C GLY A 69 -18.73 5.25 -9.51
N GLN A 70 -18.11 4.85 -10.62
CA GLN A 70 -18.78 4.67 -11.90
C GLN A 70 -18.76 3.18 -12.25
N SER A 71 -19.93 2.53 -12.15
CA SER A 71 -20.00 1.08 -12.28
C SER A 71 -21.06 0.56 -13.23
N THR A 72 -21.81 1.44 -13.90
CA THR A 72 -22.90 0.98 -14.75
C THR A 72 -22.42 0.08 -15.88
N TRP A 73 -21.16 0.20 -16.29
CA TRP A 73 -20.64 -0.61 -17.38
C TRP A 73 -20.43 -2.08 -16.98
N LYS A 74 -20.26 -2.37 -15.69
CA LYS A 74 -19.92 -3.73 -15.30
C LYS A 74 -21.05 -4.71 -15.57
N THR A 75 -22.29 -4.25 -15.45
CA THR A 75 -23.45 -5.11 -15.64
C THR A 75 -24.03 -5.00 -17.04
N GLY A 76 -23.35 -4.31 -17.94
CA GLY A 76 -23.78 -4.19 -19.31
C GLY A 76 -24.76 -3.07 -19.59
N ASP A 77 -25.05 -2.22 -18.61
CA ASP A 77 -26.00 -1.13 -18.78
C ASP A 77 -25.38 0.11 -19.39
N ALA A 78 -24.08 0.08 -19.69
CA ALA A 78 -23.42 1.19 -20.35
C ALA A 78 -22.16 0.66 -21.00
N ILE A 79 -21.70 1.36 -22.05
CA ILE A 79 -20.45 1.02 -22.71
C ILE A 79 -19.28 1.41 -21.82
N ASP A 80 -18.29 0.52 -21.72
CA ASP A 80 -17.07 0.77 -20.95
C ASP A 80 -16.11 1.63 -21.76
N PHE A 81 -16.16 2.95 -21.55
CA PHE A 81 -15.10 3.85 -21.96
C PHE A 81 -14.49 4.49 -20.71
N CYS A 82 -14.44 3.74 -19.64
CA CYS A 82 -14.23 4.15 -18.25
C CYS A 82 -13.11 3.40 -17.53
N SER A 83 -13.08 2.07 -17.62
CA SER A 83 -12.26 1.24 -16.72
C SER A 83 -10.80 1.21 -17.15
N ASN A 84 -9.96 0.70 -16.24
CA ASN A 84 -8.54 0.48 -16.53
C ASN A 84 -8.25 -0.93 -17.06
N ASP A 85 -9.27 -1.66 -17.53
CA ASP A 85 -9.06 -3.02 -18.04
C ASP A 85 -8.71 -2.95 -19.53
N LEU A 86 -7.49 -2.48 -19.78
CA LEU A 86 -7.15 -1.95 -21.10
C LEU A 86 -7.10 -3.05 -22.16
N LEU A 87 -6.57 -4.22 -21.84
CA LEU A 87 -6.47 -5.33 -22.79
C LEU A 87 -7.69 -6.25 -22.72
N SER A 88 -8.65 -5.91 -21.86
CA SER A 88 -9.86 -6.71 -21.61
C SER A 88 -9.52 -8.10 -21.06
N LEU A 89 -8.38 -8.22 -20.37
CA LEU A 89 -8.05 -9.49 -19.77
C LEU A 89 -8.98 -9.83 -18.63
N GLY A 90 -9.45 -8.84 -17.89
CA GLY A 90 -10.45 -9.12 -16.87
C GLY A 90 -11.79 -9.46 -17.50
N LEU A 91 -12.16 -8.73 -18.55
CA LEU A 91 -13.48 -8.88 -19.15
C LEU A 91 -13.67 -10.25 -19.81
N THR A 92 -12.64 -10.72 -20.52
CA THR A 92 -12.71 -12.01 -21.23
C THR A 92 -12.57 -13.21 -20.30
N GLY A 93 -12.13 -13.02 -19.06
CA GLY A 93 -11.72 -14.13 -18.24
C GLY A 93 -10.37 -14.74 -18.60
N GLU A 94 -9.64 -14.17 -19.56
CA GLU A 94 -8.36 -14.75 -19.96
C GLU A 94 -7.35 -14.79 -18.81
N LEU A 95 -7.27 -13.70 -18.02
CA LEU A 95 -6.34 -13.71 -16.88
C LEU A 95 -6.80 -14.71 -15.82
N ARG A 96 -8.10 -14.69 -15.49
CA ARG A 96 -8.66 -15.63 -14.53
C ARG A 96 -8.31 -17.08 -14.87
N ARG A 97 -8.40 -17.46 -16.15
CA ARG A 97 -8.13 -18.84 -16.53
C ARG A 97 -6.65 -19.18 -16.35
N GLU A 98 -5.75 -18.28 -16.75
CA GLU A 98 -4.32 -18.54 -16.54
C GLU A 98 -3.96 -18.54 -15.05
N PHE A 99 -4.51 -17.60 -14.28
CA PHE A 99 -4.29 -17.58 -12.82
C PHE A 99 -4.72 -18.89 -12.18
N LEU A 100 -5.90 -19.39 -12.52
CA LEU A 100 -6.31 -20.65 -11.89
C LEU A 100 -5.45 -21.82 -12.39
N ALA A 101 -5.02 -21.81 -13.65
CA ALA A 101 -4.11 -22.87 -14.10
C ALA A 101 -2.79 -22.80 -13.34
N GLU A 102 -2.29 -21.59 -13.10
CA GLU A 102 -1.07 -21.41 -12.30
C GLU A 102 -1.25 -21.97 -10.90
N LEU A 103 -2.37 -21.68 -10.25
CA LEU A 103 -2.62 -22.25 -8.93
C LEU A 103 -2.65 -23.78 -8.99
N ALA A 104 -3.34 -24.33 -9.98
CA ALA A 104 -3.45 -25.79 -10.11
C ALA A 104 -2.09 -26.45 -10.34
N ARG A 105 -1.13 -25.73 -10.90
CA ARG A 105 0.22 -26.29 -11.05
C ARG A 105 1.03 -26.24 -9.77
N HIS A 106 0.54 -25.56 -8.75
CA HIS A 106 1.15 -25.52 -7.42
C HIS A 106 0.15 -26.00 -6.37
N PRO A 107 -0.24 -27.28 -6.40
CA PRO A 107 -1.36 -27.73 -5.55
C PRO A 107 -1.10 -27.61 -4.06
N ASP A 108 0.16 -27.61 -3.64
CA ASP A 108 0.47 -27.50 -2.23
C ASP A 108 0.99 -26.13 -1.84
N PHE A 109 0.50 -25.07 -2.49
CA PHE A 109 1.16 -23.77 -2.31
C PHE A 109 0.99 -23.26 -0.89
N SER A 110 2.04 -22.57 -0.41
CA SER A 110 2.03 -21.92 0.89
C SER A 110 1.42 -20.55 0.70
N LEU A 111 0.16 -20.38 1.11
CA LEU A 111 -0.55 -19.16 0.81
C LEU A 111 0.09 -17.96 1.50
N HIS A 112 0.45 -18.09 2.77
CA HIS A 112 0.92 -16.98 3.60
C HIS A 112 2.42 -16.79 3.40
N SER A 113 2.84 -15.53 3.25
CA SER A 113 4.26 -15.26 3.07
C SER A 113 5.05 -15.55 4.33
N GLY A 114 4.46 -15.29 5.50
CA GLY A 114 5.11 -15.49 6.77
C GLY A 114 5.40 -14.21 7.53
N GLY A 115 5.35 -13.08 6.86
CA GLY A 115 5.70 -11.82 7.53
C GLY A 115 6.29 -10.82 6.56
N SER A 116 7.12 -9.94 7.09
CA SER A 116 7.79 -8.94 6.28
C SER A 116 8.78 -9.60 5.35
N ARG A 117 8.96 -9.00 4.17
CA ARG A 117 9.86 -9.57 3.16
C ARG A 117 11.29 -9.72 3.67
N VAL A 118 11.70 -8.85 4.60
CA VAL A 118 13.05 -8.92 5.13
C VAL A 118 13.11 -9.66 6.46
N MET A 119 12.00 -10.18 6.94
CA MET A 119 12.04 -11.01 8.14
C MET A 119 11.52 -12.40 7.77
N GLY A 120 10.29 -12.73 8.14
CA GLY A 120 9.82 -14.08 7.87
C GLY A 120 9.19 -14.31 6.50
N GLY A 121 9.09 -13.28 5.66
CA GLY A 121 8.23 -13.38 4.50
C GLY A 121 8.87 -13.60 3.13
N ASN A 122 10.13 -13.98 3.05
CA ASN A 122 10.73 -14.25 1.75
C ASN A 122 10.48 -15.71 1.37
N TYR A 123 10.41 -15.98 0.07
CA TYR A 123 10.29 -17.37 -0.35
C TYR A 123 10.73 -17.50 -1.81
N ASP A 124 10.96 -18.76 -2.23
CA ASP A 124 11.59 -19.01 -3.53
C ASP A 124 10.69 -18.58 -4.69
N TYR A 125 9.40 -18.85 -4.59
CA TYR A 125 8.50 -18.57 -5.70
C TYR A 125 8.46 -17.08 -6.03
N ILE A 126 8.35 -16.23 -5.01
CA ILE A 126 8.30 -14.79 -5.29
C ILE A 126 9.65 -14.31 -5.84
N GLU A 127 10.77 -14.87 -5.36
CA GLU A 127 12.05 -14.46 -5.94
C GLU A 127 12.18 -14.90 -7.40
N ALA A 128 11.69 -16.10 -7.73
CA ALA A 128 11.74 -16.58 -9.11
C ALA A 128 10.81 -15.77 -10.02
N VAL A 129 9.61 -15.45 -9.55
CA VAL A 129 8.69 -14.67 -10.39
C VAL A 129 9.23 -13.26 -10.63
N GLU A 130 9.77 -12.61 -9.58
CA GLU A 130 10.46 -11.34 -9.76
C GLU A 130 11.52 -11.43 -10.86
N GLN A 131 12.38 -12.44 -10.80
CA GLN A 131 13.45 -12.50 -11.80
C GLN A 131 12.91 -12.74 -13.21
N GLU A 132 11.83 -13.53 -13.34
CA GLU A 132 11.20 -13.72 -14.65
C GLU A 132 10.66 -12.41 -15.21
N ILE A 133 10.07 -11.58 -14.35
CA ILE A 133 9.56 -10.29 -14.81
C ILE A 133 10.70 -9.39 -15.23
N ALA A 134 11.76 -9.33 -14.40
CA ALA A 134 12.94 -8.56 -14.76
C ALA A 134 13.50 -9.02 -16.11
N ASP A 135 13.63 -10.34 -16.30
CA ASP A 135 14.16 -10.83 -17.57
C ASP A 135 13.26 -10.44 -18.74
N PHE A 136 11.94 -10.55 -18.57
CA PHE A 136 11.01 -10.13 -19.63
C PHE A 136 11.14 -8.64 -19.95
N LEU A 137 11.42 -7.79 -18.96
CA LEU A 137 11.49 -6.36 -19.20
C LEU A 137 12.90 -5.87 -19.45
N GLY A 138 13.88 -6.76 -19.55
CA GLY A 138 15.25 -6.31 -19.79
C GLY A 138 15.96 -5.68 -18.61
N ALA A 139 15.55 -5.99 -17.39
CA ALA A 139 16.15 -5.39 -16.22
C ALA A 139 16.98 -6.45 -15.50
N GLU A 140 17.91 -5.99 -14.66
CA GLU A 140 18.76 -6.91 -13.91
C GLU A 140 18.00 -7.63 -12.81
N THR A 141 17.16 -6.91 -12.07
CA THR A 141 16.46 -7.45 -10.90
C THR A 141 15.09 -6.78 -10.79
N ALA A 142 14.20 -7.39 -10.00
CA ALA A 142 12.88 -6.84 -9.75
C ALA A 142 12.54 -7.06 -8.29
N LEU A 143 11.74 -6.13 -7.73
CA LEU A 143 11.21 -6.22 -6.37
C LEU A 143 9.70 -5.99 -6.39
N MET A 144 8.93 -6.92 -5.83
CA MET A 144 7.47 -6.87 -5.94
C MET A 144 6.85 -6.10 -4.78
N PHE A 145 5.81 -5.33 -5.09
CA PHE A 145 5.09 -4.48 -4.14
C PHE A 145 3.60 -4.78 -4.25
N ASN A 146 2.79 -4.35 -3.26
CA ASN A 146 1.38 -4.67 -3.41
C ASN A 146 0.67 -3.71 -4.36
N SER A 147 1.32 -2.62 -4.79
CA SER A 147 0.68 -1.63 -5.65
C SER A 147 1.77 -0.80 -6.31
N GLY A 148 1.41 -0.12 -7.39
CA GLY A 148 2.31 0.88 -7.94
C GLY A 148 2.54 2.02 -6.96
N SER A 149 1.49 2.43 -6.24
CA SER A 149 1.64 3.50 -5.26
C SER A 149 2.72 3.16 -4.24
N ASN A 150 2.67 1.94 -3.69
CA ASN A 150 3.65 1.53 -2.70
C ASN A 150 5.04 1.47 -3.32
N GLY A 151 5.13 1.02 -4.58
CA GLY A 151 6.41 1.07 -5.28
C GLY A 151 7.01 2.46 -5.32
N ASN A 152 6.22 3.46 -5.73
CA ASN A 152 6.71 4.83 -5.74
C ASN A 152 7.09 5.31 -4.34
N ILE A 153 6.26 4.97 -3.32
CA ILE A 153 6.58 5.38 -1.95
C ILE A 153 7.97 4.87 -1.57
N ALA A 154 8.22 3.59 -1.86
CA ALA A 154 9.52 3.00 -1.53
C ALA A 154 10.65 3.70 -2.27
N ILE A 155 10.44 3.98 -3.56
CA ILE A 155 11.51 4.57 -4.36
C ILE A 155 11.94 5.90 -3.77
N TYR A 156 10.98 6.80 -3.57
CA TYR A 156 11.35 8.16 -3.23
C TYR A 156 11.67 8.31 -1.75
N THR A 157 11.28 7.34 -0.91
CA THR A 157 11.77 7.40 0.46
C THR A 157 13.12 6.69 0.64
N ALA A 158 13.44 5.66 -0.15
CA ALA A 158 14.67 4.92 0.05
C ALA A 158 15.83 5.45 -0.79
N ILE A 159 15.57 5.90 -2.01
CA ILE A 159 16.65 6.11 -2.98
C ILE A 159 17.31 7.48 -2.89
N PRO A 160 16.59 8.59 -2.86
CA PRO A 160 17.28 9.88 -2.82
C PRO A 160 18.15 9.99 -1.56
N ARG A 161 19.38 10.50 -1.74
CA ARG A 161 20.36 10.70 -0.68
CA ARG A 161 20.35 10.70 -0.68
C ARG A 161 20.44 12.16 -0.28
N PRO A 162 20.84 12.45 0.95
CA PRO A 162 21.04 13.85 1.33
C PRO A 162 22.07 14.46 0.39
N GLY A 163 21.75 15.64 -0.11
CA GLY A 163 22.61 16.33 -1.07
C GLY A 163 22.22 16.10 -2.50
N ASP A 164 21.39 15.07 -2.76
CA ASP A 164 20.83 14.86 -4.09
C ASP A 164 19.74 15.89 -4.38
N ALA A 165 19.44 16.05 -5.66
CA ALA A 165 18.30 16.83 -6.09
C ALA A 165 17.36 15.91 -6.86
N ILE A 166 16.07 16.23 -6.80
CA ILE A 166 15.04 15.56 -7.62
C ILE A 166 14.42 16.58 -8.56
N VAL A 167 14.46 16.29 -9.86
CA VAL A 167 13.82 17.12 -10.87
C VAL A 167 12.69 16.26 -11.46
N TYR A 168 11.46 16.73 -11.33
CA TYR A 168 10.31 15.91 -11.66
C TYR A 168 9.29 16.65 -12.51
N ASP A 169 8.66 15.91 -13.43
CA ASP A 169 7.52 16.41 -14.17
C ASP A 169 6.41 16.77 -13.20
N GLU A 170 5.84 17.95 -13.38
CA GLU A 170 4.80 18.39 -12.45
C GLU A 170 3.63 17.41 -12.36
N LEU A 171 3.40 16.57 -13.38
CA LEU A 171 2.26 15.66 -13.35
C LEU A 171 2.63 14.21 -12.97
N VAL A 172 3.75 13.99 -12.28
CA VAL A 172 3.93 12.67 -11.67
C VAL A 172 2.76 12.37 -10.72
N HIS A 173 2.64 11.08 -10.38
CA HIS A 173 1.50 10.52 -9.68
C HIS A 173 1.46 10.97 -8.22
N PHE A 174 0.28 10.88 -7.62
CA PHE A 174 0.12 11.23 -6.20
C PHE A 174 1.16 10.54 -5.33
N SER A 175 1.41 9.26 -5.59
CA SER A 175 2.34 8.51 -4.75
C SER A 175 3.74 9.06 -4.84
N THR A 176 4.14 9.54 -6.03
CA THR A 176 5.46 10.13 -6.19
C THR A 176 5.56 11.45 -5.45
N HIS A 177 4.53 12.28 -5.54
CA HIS A 177 4.54 13.50 -4.72
C HIS A 177 4.67 13.17 -3.23
N THR A 178 3.94 12.15 -2.75
CA THR A 178 3.97 11.82 -1.32
C THR A 178 5.33 11.30 -0.92
N GLY A 179 5.89 10.40 -1.72
CA GLY A 179 7.20 9.87 -1.43
C GLY A 179 8.28 10.93 -1.43
N MET A 180 8.24 11.85 -2.41
CA MET A 180 9.24 12.90 -2.47
C MET A 180 9.15 13.83 -1.24
N ALA A 181 7.95 14.07 -0.74
CA ALA A 181 7.83 14.90 0.46
C ALA A 181 8.44 14.22 1.67
N ALA A 182 8.42 12.89 1.70
CA ALA A 182 9.03 12.10 2.75
C ALA A 182 10.49 11.76 2.46
N SER A 183 11.07 12.32 1.40
CA SER A 183 12.44 12.06 0.93
C SER A 183 13.50 12.69 1.83
N LEU A 184 14.72 12.17 1.76
CA LEU A 184 15.88 12.81 2.37
C LEU A 184 16.52 13.86 1.46
N ALA A 185 15.99 14.02 0.25
CA ALA A 185 16.50 15.02 -0.66
C ALA A 185 15.92 16.38 -0.27
N THR A 186 16.78 17.38 -0.12
CA THR A 186 16.30 18.71 0.26
C THR A 186 16.14 19.64 -0.93
N THR A 187 16.46 19.22 -2.15
CA THR A 187 16.20 20.01 -3.34
C THR A 187 15.25 19.23 -4.21
N LYS A 188 14.06 19.76 -4.45
CA LYS A 188 13.08 19.10 -5.30
C LYS A 188 12.48 20.16 -6.22
N VAL A 189 12.56 19.92 -7.53
CA VAL A 189 12.23 20.96 -8.51
C VAL A 189 11.29 20.39 -9.57
N ALA A 190 10.11 20.99 -9.68
CA ALA A 190 9.15 20.59 -10.70
C ALA A 190 9.45 21.30 -12.02
N PHE A 191 9.08 20.67 -13.15
CA PHE A 191 9.12 21.36 -14.43
C PHE A 191 7.81 21.18 -15.19
N ARG A 192 7.48 22.20 -16.00
CA ARG A 192 6.23 22.24 -16.76
C ARG A 192 6.04 20.98 -17.61
N HIS A 193 4.82 20.45 -17.60
CA HIS A 193 4.53 19.10 -18.08
C HIS A 193 5.06 18.83 -19.48
N ASN A 194 5.87 17.78 -19.58
CA ASN A 194 6.35 17.23 -20.83
C ASN A 194 7.11 18.25 -21.68
N ASP A 195 7.61 19.32 -21.06
CA ASP A 195 8.18 20.45 -21.76
C ASP A 195 9.71 20.34 -21.72
N LEU A 196 10.32 20.13 -22.88
CA LEU A 196 11.77 19.89 -22.90
C LEU A 196 12.54 21.17 -22.56
N ASP A 197 12.04 22.33 -22.99
CA ASP A 197 12.69 23.59 -22.59
C ASP A 197 12.62 23.79 -21.09
N ALA A 198 11.46 23.54 -20.48
CA ALA A 198 11.35 23.68 -19.03
C ALA A 198 12.26 22.69 -18.31
N PHE A 199 12.34 21.46 -18.82
CA PHE A 199 13.23 20.47 -18.22
C PHE A 199 14.67 20.93 -18.25
N ARG A 200 15.13 21.42 -19.41
CA ARG A 200 16.49 21.89 -19.51
C ARG A 200 16.74 23.02 -18.52
N GLU A 201 15.77 23.92 -18.39
CA GLU A 201 15.92 25.04 -17.47
C GLU A 201 16.04 24.56 -16.03
N ALA A 202 15.19 23.60 -15.64
CA ALA A 202 15.24 23.05 -14.30
C ALA A 202 16.58 22.36 -14.04
N MET A 203 17.05 21.55 -14.99
CA MET A 203 18.32 20.85 -14.82
C MET A 203 19.48 21.83 -14.71
N SER A 204 19.52 22.83 -15.60
CA SER A 204 20.68 23.71 -15.62
C SER A 204 20.69 24.65 -14.42
N SER A 205 19.51 25.10 -13.95
CA SER A 205 19.50 25.95 -12.78
C SER A 205 19.81 25.18 -11.50
N THR A 206 19.41 23.90 -11.45
CA THR A 206 19.76 23.06 -10.32
C THR A 206 21.27 22.76 -10.31
N MET A 207 21.84 22.44 -11.48
CA MET A 207 23.28 22.24 -11.57
C MET A 207 24.04 23.50 -11.21
N ASP A 208 23.53 24.66 -11.66
CA ASP A 208 24.23 25.92 -11.47
C ASP A 208 24.29 26.35 -10.02
N SER A 209 23.43 25.83 -9.14
CA SER A 209 23.32 26.29 -7.76
C SER A 209 23.79 25.28 -6.71
N HIS A 210 24.25 24.10 -7.10
CA HIS A 210 24.72 23.10 -6.13
C HIS A 210 26.15 22.71 -6.43
N PRO A 211 27.14 23.15 -5.63
CA PRO A 211 28.53 22.76 -5.92
C PRO A 211 28.75 21.26 -5.95
N MET A 212 27.98 20.49 -5.19
CA MET A 212 28.18 19.05 -5.18
C MET A 212 27.51 18.36 -6.36
N LEU A 213 26.63 19.04 -7.07
CA LEU A 213 26.21 18.52 -8.37
C LEU A 213 27.24 18.87 -9.44
N GLN A 214 27.81 20.08 -9.35
CA GLN A 214 28.84 20.46 -10.32
C GLN A 214 30.06 19.55 -10.25
N ASP A 215 30.45 19.08 -9.06
CA ASP A 215 31.68 18.27 -8.95
C ASP A 215 31.41 16.78 -9.10
N GLY A 216 30.16 16.38 -9.37
CA GLY A 216 29.82 15.00 -9.62
C GLY A 216 29.63 14.14 -8.39
N SER A 217 29.66 14.71 -7.19
CA SER A 217 29.65 13.88 -5.99
C SER A 217 28.24 13.55 -5.48
N ARG A 218 27.21 14.28 -5.93
CA ARG A 218 25.81 13.94 -5.65
C ARG A 218 25.09 13.88 -6.99
N SER A 219 23.85 13.38 -6.98
CA SER A 219 23.12 13.09 -8.21
C SER A 219 21.90 13.97 -8.39
N ILE A 220 21.50 14.13 -9.65
CA ILE A 220 20.15 14.62 -10.00
C ILE A 220 19.31 13.42 -10.36
N LEU A 221 18.21 13.22 -9.65
CA LEU A 221 17.26 12.16 -9.96
C LEU A 221 16.12 12.76 -10.77
N VAL A 222 15.78 12.13 -11.88
CA VAL A 222 14.77 12.69 -12.79
C VAL A 222 13.56 11.77 -12.79
N SER A 223 12.38 12.32 -12.47
CA SER A 223 11.17 11.53 -12.25
C SER A 223 10.12 11.86 -13.31
N VAL A 224 9.72 10.86 -14.09
CA VAL A 224 8.75 11.03 -15.17
C VAL A 224 7.80 9.83 -15.19
N GLU A 225 6.70 10.00 -15.93
CA GLU A 225 5.81 8.91 -16.30
C GLU A 225 6.00 8.61 -17.79
N SER A 226 6.04 7.32 -18.11
CA SER A 226 6.09 6.92 -19.50
C SER A 226 4.87 7.41 -20.24
N VAL A 227 3.69 7.13 -19.68
CA VAL A 227 2.41 7.54 -20.23
C VAL A 227 1.65 8.21 -19.08
N TYR A 228 1.14 9.44 -19.32
CA TYR A 228 0.57 10.24 -18.23
C TYR A 228 -0.91 9.95 -18.00
N SER A 229 -1.25 9.65 -16.73
CA SER A 229 -2.54 9.03 -16.41
C SER A 229 -3.73 9.87 -16.86
N MET A 230 -3.68 11.19 -16.67
CA MET A 230 -4.81 12.06 -16.95
C MET A 230 -4.64 12.89 -18.20
N ASP A 231 -3.52 12.76 -18.91
CA ASP A 231 -3.27 13.53 -20.11
C ASP A 231 -2.99 12.68 -21.35
N GLY A 232 -2.53 11.45 -21.18
CA GLY A 232 -2.38 10.53 -22.28
C GLY A 232 -1.20 10.79 -23.18
N ASP A 233 -0.39 11.79 -22.88
CA ASP A 233 0.82 12.01 -23.68
C ASP A 233 1.98 11.21 -23.10
N VAL A 234 3.12 11.25 -23.80
CA VAL A 234 4.20 10.28 -23.63
C VAL A 234 5.49 11.03 -23.35
N CYS A 235 6.28 10.52 -22.41
CA CYS A 235 7.54 11.17 -22.07
C CYS A 235 8.51 11.12 -23.24
N PRO A 236 9.08 12.26 -23.64
CA PRO A 236 10.12 12.28 -24.68
C PRO A 236 11.45 11.85 -24.08
N LEU A 237 11.52 10.56 -23.76
CA LEU A 237 12.60 10.02 -22.95
C LEU A 237 13.97 10.13 -23.63
N VAL A 238 14.06 9.79 -24.93
CA VAL A 238 15.33 9.96 -25.64
C VAL A 238 15.82 11.41 -25.55
N GLU A 239 14.92 12.37 -25.75
CA GLU A 239 15.32 13.76 -25.76
C GLU A 239 15.72 14.23 -24.36
N MET A 240 15.03 13.75 -23.32
CA MET A 240 15.41 14.11 -21.96
C MET A 240 16.78 13.55 -21.60
N LEU A 241 17.10 12.31 -22.05
CA LEU A 241 18.40 11.74 -21.72
C LEU A 241 19.53 12.52 -22.37
N GLU A 242 19.32 12.98 -23.60
CA GLU A 242 20.34 13.78 -24.26
C GLU A 242 20.56 15.09 -23.52
N ILE A 243 19.48 15.73 -23.05
CA ILE A 243 19.61 16.98 -22.31
C ILE A 243 20.33 16.74 -20.99
N ALA A 244 20.00 15.65 -20.29
CA ALA A 244 20.68 15.36 -19.03
C ALA A 244 22.17 15.16 -19.24
N ARG A 245 22.55 14.44 -20.29
CA ARG A 245 23.96 14.22 -20.55
C ARG A 245 24.67 15.52 -20.87
N GLU A 246 24.00 16.43 -21.58
CA GLU A 246 24.54 17.76 -21.83
C GLU A 246 24.79 18.54 -20.55
N ILE A 247 23.79 18.55 -19.66
CA ILE A 247 23.88 19.37 -18.45
C ILE A 247 24.73 18.71 -17.38
N CYS A 248 24.83 17.38 -17.39
CA CYS A 248 25.59 16.63 -16.39
C CYS A 248 26.67 15.80 -17.07
N PRO A 249 27.74 16.45 -17.59
CA PRO A 249 28.77 15.69 -18.31
C PRO A 249 29.48 14.64 -17.47
N LYS A 250 29.48 14.77 -16.14
CA LYS A 250 30.07 13.72 -15.31
C LYS A 250 29.16 12.51 -15.13
N GLY A 251 27.95 12.53 -15.69
CA GLY A 251 27.07 11.38 -15.62
C GLY A 251 26.27 11.24 -14.34
N ASN A 252 26.29 12.25 -13.46
CA ASN A 252 25.76 12.09 -12.10
C ASN A 252 24.25 12.39 -12.08
N PHE A 253 23.52 11.63 -12.89
CA PHE A 253 22.05 11.69 -12.90
C PHE A 253 21.49 10.27 -13.00
N ALA A 254 20.23 10.13 -12.63
CA ALA A 254 19.51 8.86 -12.73
C ALA A 254 18.05 9.13 -13.04
N PHE A 255 17.51 8.41 -14.03
CA PHE A 255 16.11 8.52 -14.42
C PHE A 255 15.27 7.47 -13.68
N ILE A 256 14.06 7.88 -13.31
CA ILE A 256 13.07 7.01 -12.67
C ILE A 256 11.79 7.09 -13.51
N ALA A 257 11.43 6.00 -14.18
CA ALA A 257 10.28 6.00 -15.09
C ALA A 257 9.12 5.20 -14.51
N ASP A 258 7.97 5.88 -14.32
CA ASP A 258 6.73 5.26 -13.85
C ASP A 258 5.95 4.81 -15.09
N GLU A 259 5.91 3.50 -15.33
CA GLU A 259 5.33 2.91 -16.53
C GLU A 259 3.93 2.33 -16.29
N ALA A 260 3.21 2.81 -15.27
CA ALA A 260 1.90 2.26 -14.93
C ALA A 260 1.00 2.09 -16.15
N HIS A 261 0.92 3.15 -16.98
CA HIS A 261 0.02 3.14 -18.13
C HIS A 261 0.74 2.77 -19.42
N ALA A 262 1.91 2.10 -19.33
CA ALA A 262 2.62 1.67 -20.53
C ALA A 262 2.76 0.17 -20.65
N THR A 263 2.92 -0.56 -19.54
CA THR A 263 3.08 -2.01 -19.63
C THR A 263 1.81 -2.62 -20.23
N GLY A 264 1.99 -3.56 -21.17
CA GLY A 264 0.84 -4.15 -21.83
C GLY A 264 0.29 -3.41 -23.03
N VAL A 265 0.46 -2.09 -23.07
CA VAL A 265 -0.13 -1.26 -24.11
C VAL A 265 0.91 -0.68 -25.05
N VAL A 266 2.15 -0.51 -24.60
CA VAL A 266 3.23 0.13 -25.37
C VAL A 266 4.35 -0.89 -25.53
N GLY A 267 4.93 -0.99 -26.73
CA GLY A 267 6.10 -1.83 -26.97
C GLY A 267 5.76 -3.22 -27.46
N PRO A 268 6.73 -3.88 -28.11
CA PRO A 268 6.45 -5.23 -28.64
C PRO A 268 6.17 -6.21 -27.51
N ARG A 269 5.03 -6.89 -27.61
CA ARG A 269 4.54 -7.84 -26.59
C ARG A 269 4.29 -7.16 -25.24
N GLY A 270 4.09 -5.85 -25.25
CA GLY A 270 3.71 -5.12 -24.04
C GLY A 270 4.84 -4.75 -23.11
N VAL A 271 6.09 -4.78 -23.57
CA VAL A 271 7.22 -4.56 -22.67
C VAL A 271 7.35 -3.13 -22.13
N GLY A 272 6.57 -2.17 -22.62
CA GLY A 272 6.60 -0.80 -22.10
C GLY A 272 7.48 0.13 -22.92
N LEU A 273 7.50 1.41 -22.52
CA LEU A 273 8.20 2.43 -23.31
C LEU A 273 9.72 2.32 -23.20
N VAL A 274 10.23 2.12 -21.98
CA VAL A 274 11.67 2.08 -21.80
C VAL A 274 12.30 1.00 -22.69
N LYS A 275 11.68 -0.18 -22.70
CA LYS A 275 12.26 -1.27 -23.48
C LYS A 275 12.00 -1.10 -24.97
N LEU A 276 10.85 -0.50 -25.32
CA LEU A 276 10.59 -0.16 -26.72
C LEU A 276 11.72 0.70 -27.27
N LEU A 277 12.21 1.65 -26.48
CA LEU A 277 13.28 2.55 -26.93
C LEU A 277 14.67 2.00 -26.69
N GLY A 278 14.78 0.81 -26.12
CA GLY A 278 16.09 0.24 -25.89
C GLY A 278 16.86 0.97 -24.80
N LEU A 279 16.17 1.55 -23.83
CA LEU A 279 16.82 2.33 -22.77
C LEU A 279 16.90 1.59 -21.44
N GLU A 280 16.86 0.25 -21.44
CA GLU A 280 16.91 -0.47 -20.16
C GLU A 280 18.16 -0.13 -19.37
N ASN A 281 19.28 0.09 -20.05
CA ASN A 281 20.55 0.40 -19.40
C ASN A 281 20.76 1.89 -19.18
N GLU A 282 19.82 2.73 -19.62
CA GLU A 282 19.91 4.18 -19.44
C GLU A 282 18.96 4.71 -18.38
N VAL A 283 18.00 3.89 -17.91
CA VAL A 283 17.01 4.32 -16.92
C VAL A 283 17.23 3.46 -15.68
N ALA A 284 17.76 4.06 -14.63
CA ALA A 284 18.26 3.31 -13.49
C ALA A 284 17.14 2.61 -12.73
N ILE A 285 15.94 3.18 -12.72
CA ILE A 285 14.85 2.68 -11.90
C ILE A 285 13.56 2.78 -12.71
N ARG A 286 12.82 1.68 -12.77
CA ARG A 286 11.56 1.67 -13.49
C ARG A 286 10.49 1.07 -12.60
N LEU A 287 9.27 1.58 -12.73
CA LEU A 287 8.10 1.05 -12.04
C LEU A 287 7.12 0.50 -13.08
N ASN A 288 6.80 -0.81 -12.98
CA ASN A 288 5.77 -1.43 -13.81
C ASN A 288 4.66 -1.98 -12.92
N THR A 289 3.42 -1.55 -13.17
CA THR A 289 2.31 -1.84 -12.27
C THR A 289 1.31 -2.80 -12.92
N CYS A 290 0.50 -3.45 -12.08
CA CYS A 290 -0.39 -4.52 -12.56
C CYS A 290 -1.85 -4.13 -12.55
N GLY A 291 -2.18 -2.91 -12.15
CA GLY A 291 -3.56 -2.55 -11.95
C GLY A 291 -4.31 -2.06 -13.17
N LYS A 292 -3.64 -1.86 -14.29
CA LYS A 292 -4.29 -1.40 -15.52
C LYS A 292 -4.36 -2.52 -16.56
N ALA A 293 -3.53 -2.45 -17.60
CA ALA A 293 -3.54 -3.47 -18.65
C ALA A 293 -3.39 -4.89 -18.10
N LEU A 294 -2.62 -5.07 -17.03
CA LEU A 294 -2.39 -6.41 -16.49
C LEU A 294 -3.54 -6.90 -15.62
N ALA A 295 -4.55 -6.07 -15.38
CA ALA A 295 -5.88 -6.51 -14.95
C ALA A 295 -5.90 -7.13 -13.56
N CYS A 296 -4.95 -6.77 -12.67
CA CYS A 296 -5.03 -7.22 -11.28
C CYS A 296 -4.54 -6.12 -10.33
N THR A 297 -3.60 -6.41 -9.43
CA THR A 297 -2.99 -5.38 -8.60
C THR A 297 -1.53 -5.75 -8.35
N GLY A 298 -0.74 -4.78 -7.87
CA GLY A 298 0.68 -4.98 -7.57
C GLY A 298 1.58 -4.19 -8.50
N SER A 299 2.89 -4.30 -8.26
CA SER A 299 3.88 -3.63 -9.10
C SER A 299 5.22 -4.31 -8.88
N VAL A 300 6.17 -3.98 -9.76
CA VAL A 300 7.57 -4.29 -9.55
C VAL A 300 8.37 -3.02 -9.76
N VAL A 301 9.43 -2.85 -8.98
CA VAL A 301 10.46 -1.86 -9.25
C VAL A 301 11.66 -2.60 -9.80
N LEU A 302 12.20 -2.08 -10.90
CA LEU A 302 13.31 -2.70 -11.63
C LEU A 302 14.57 -1.87 -11.50
N GLY A 303 15.69 -2.56 -11.39
CA GLY A 303 16.99 -1.94 -11.29
C GLY A 303 18.02 -2.99 -10.94
N ASN A 304 19.24 -2.53 -10.68
CA ASN A 304 20.27 -3.50 -10.36
C ASN A 304 20.20 -3.88 -8.87
N ALA A 305 21.09 -4.76 -8.43
CA ALA A 305 20.99 -5.28 -7.07
C ALA A 305 21.22 -4.19 -6.03
N THR A 306 22.02 -3.17 -6.36
CA THR A 306 22.22 -2.06 -5.43
C THR A 306 20.92 -1.33 -5.16
N VAL A 307 20.17 -1.02 -6.23
CA VAL A 307 18.86 -0.39 -6.10
C VAL A 307 17.92 -1.28 -5.29
N ARG A 308 17.87 -2.57 -5.62
CA ARG A 308 16.98 -3.49 -4.90
C ARG A 308 17.35 -3.54 -3.42
N ASN A 309 18.64 -3.66 -3.09
CA ASN A 309 19.03 -3.65 -1.68
C ASN A 309 18.70 -2.32 -0.98
N MET A 310 18.79 -1.19 -1.69
CA MET A 310 18.37 0.08 -1.07
C MET A 310 16.88 0.07 -0.70
N LEU A 311 16.02 -0.48 -1.57
CA LEU A 311 14.60 -0.53 -1.21
C LEU A 311 14.36 -1.43 -0.01
N LEU A 312 15.03 -2.59 0.02
CA LEU A 312 14.82 -3.57 1.10
C LEU A 312 15.27 -3.02 2.46
N ASN A 313 16.22 -2.11 2.46
CA ASN A 313 16.78 -1.66 3.73
C ASN A 313 16.28 -0.29 4.16
N TYR A 314 15.94 0.59 3.21
CA TYR A 314 15.64 1.98 3.59
C TYR A 314 14.21 2.40 3.32
N ALA A 315 13.41 1.59 2.65
CA ALA A 315 12.00 1.93 2.43
C ALA A 315 11.20 1.36 3.61
N GLY A 316 10.95 2.20 4.63
CA GLY A 316 10.30 1.68 5.82
C GLY A 316 8.90 1.15 5.53
N SER A 317 8.22 1.73 4.54
CA SER A 317 6.90 1.25 4.14
C SER A 317 6.93 -0.23 3.79
N LEU A 318 8.00 -0.67 3.14
CA LEU A 318 8.17 -2.07 2.75
C LEU A 318 8.61 -2.94 3.91
N VAL A 319 9.57 -2.46 4.71
CA VAL A 319 10.12 -3.23 5.83
C VAL A 319 9.01 -3.61 6.80
N ASN A 320 8.02 -2.73 6.96
CA ASN A 320 7.01 -2.87 8.00
C ASN A 320 5.65 -3.31 7.44
N THR A 321 5.64 -4.09 6.36
CA THR A 321 4.38 -4.61 5.83
C THR A 321 4.57 -6.07 5.44
N THR A 322 3.45 -6.79 5.45
CA THR A 322 3.48 -8.23 5.15
C THR A 322 3.80 -8.48 3.68
N ALA A 323 4.71 -9.44 3.44
CA ALA A 323 5.06 -9.83 2.07
C ALA A 323 3.89 -10.48 1.33
N PRO A 324 3.84 -10.33 -0.01
CA PRO A 324 2.70 -10.85 -0.79
C PRO A 324 2.43 -12.33 -0.58
N SER A 325 1.14 -12.66 -0.54
CA SER A 325 0.65 -14.02 -0.53
C SER A 325 0.94 -14.71 -1.88
N PHE A 326 0.95 -16.04 -1.85
CA PHE A 326 1.18 -16.81 -3.06
C PHE A 326 0.20 -16.47 -4.17
N PRO A 327 -1.12 -16.45 -3.97
CA PRO A 327 -2.02 -16.05 -5.07
C PRO A 327 -1.76 -14.65 -5.61
N SER A 328 -1.33 -13.70 -4.78
CA SER A 328 -1.02 -12.36 -5.29
C SER A 328 0.19 -12.39 -6.23
N VAL A 329 1.16 -13.26 -5.95
CA VAL A 329 2.31 -13.40 -6.82
C VAL A 329 1.94 -14.21 -8.05
N ALA A 330 1.11 -15.24 -7.87
CA ALA A 330 0.70 -16.09 -8.99
C ALA A 330 -0.14 -15.35 -10.03
N VAL A 331 -0.99 -14.41 -9.59
CA VAL A 331 -1.80 -13.70 -10.59
C VAL A 331 -0.93 -12.76 -11.41
N ILE A 332 0.12 -12.18 -10.79
CA ILE A 332 1.03 -11.32 -11.55
C ILE A 332 1.85 -12.16 -12.52
N ARG A 333 2.34 -13.31 -12.05
CA ARG A 333 3.05 -14.21 -12.96
C ARG A 333 2.19 -14.57 -14.16
N ALA A 334 0.91 -14.85 -13.91
CA ALA A 334 0.00 -15.25 -14.99
C ALA A 334 -0.15 -14.15 -16.03
N ALA A 335 -0.27 -12.89 -15.59
CA ALA A 335 -0.38 -11.77 -16.53
C ALA A 335 0.90 -11.64 -17.38
N TYR A 336 2.08 -11.72 -16.75
CA TYR A 336 3.31 -11.66 -17.54
C TYR A 336 3.43 -12.89 -18.46
N ASN A 337 2.92 -14.04 -18.03
CA ASN A 337 3.01 -15.21 -18.91
C ASN A 337 2.10 -15.04 -20.13
N LEU A 338 0.95 -14.41 -19.96
CA LEU A 338 0.11 -14.11 -21.12
C LEU A 338 0.85 -13.18 -22.09
N MET A 339 1.56 -12.17 -21.57
CA MET A 339 2.29 -11.28 -22.47
C MET A 339 3.44 -11.98 -23.17
N ARG A 340 4.24 -12.74 -22.39
CA ARG A 340 5.46 -13.30 -22.95
C ARG A 340 5.16 -14.39 -23.97
N THR A 341 3.99 -15.02 -23.89
CA THR A 341 3.60 -16.03 -24.87
C THR A 341 2.80 -15.43 -26.04
N GLY A 342 2.79 -14.11 -26.16
CA GLY A 342 2.12 -13.45 -27.26
C GLY A 342 0.62 -13.41 -27.18
N ALA A 343 0.02 -13.83 -26.07
CA ALA A 343 -1.43 -13.92 -25.98
C ALA A 343 -2.11 -12.57 -25.72
N THR A 344 -1.34 -11.47 -25.63
CA THR A 344 -1.93 -10.14 -25.53
C THR A 344 -1.67 -9.27 -26.76
N GLN A 345 -0.89 -9.75 -27.74
CA GLN A 345 -0.49 -8.87 -28.84
C GLN A 345 -1.68 -8.46 -29.70
N LYS A 346 -2.61 -9.38 -29.97
CA LYS A 346 -3.80 -8.99 -30.75
C LYS A 346 -4.60 -7.89 -30.02
N ALA A 347 -4.89 -8.09 -28.73
CA ALA A 347 -5.54 -7.05 -27.94
C ALA A 347 -4.77 -5.73 -27.96
N GLN A 348 -3.44 -5.79 -27.81
CA GLN A 348 -2.65 -4.57 -27.86
C GLN A 348 -2.81 -3.85 -29.19
N ASP A 349 -2.76 -4.60 -30.29
CA ASP A 349 -2.97 -3.99 -31.60
C ASP A 349 -4.39 -3.43 -31.76
N ASN A 350 -5.36 -4.05 -31.09
CA ASN A 350 -6.74 -3.60 -31.23
C ASN A 350 -6.94 -2.26 -30.54
N ILE A 351 -6.26 -2.04 -29.41
CA ILE A 351 -6.31 -0.72 -28.78
C ILE A 351 -5.84 0.34 -29.77
N GLN A 352 -4.69 0.09 -30.41
CA GLN A 352 -4.12 1.03 -31.37
C GLN A 352 -5.11 1.32 -32.48
N HIS A 353 -5.73 0.27 -33.01
CA HIS A 353 -6.69 0.45 -34.09
C HIS A 353 -7.85 1.32 -33.63
N LEU A 354 -8.44 0.96 -32.49
CA LEU A 354 -9.65 1.64 -32.03
C LEU A 354 -9.38 3.10 -31.66
N VAL A 355 -8.22 3.39 -31.07
CA VAL A 355 -7.94 4.78 -30.72
C VAL A 355 -7.76 5.62 -31.98
N LYS A 356 -6.95 5.12 -32.92
CA LYS A 356 -6.77 5.80 -34.20
C LYS A 356 -8.10 5.94 -34.94
N TYR A 357 -8.97 4.93 -34.80
CA TYR A 357 -10.30 5.01 -35.41
C TYR A 357 -11.13 6.12 -34.76
N PHE A 358 -11.01 6.27 -33.44
CA PHE A 358 -11.74 7.37 -32.79
C PHE A 358 -11.19 8.72 -33.24
N PHE A 359 -9.86 8.85 -33.28
CA PHE A 359 -9.26 10.10 -33.70
C PHE A 359 -9.68 10.47 -35.13
N GLU A 360 -9.62 9.50 -36.05
CA GLU A 360 -10.02 9.81 -37.42
C GLU A 360 -11.49 10.20 -37.51
N SER A 361 -12.35 9.52 -36.75
CA SER A 361 -13.78 9.82 -36.81
C SER A 361 -14.07 11.20 -36.23
N ILE A 362 -13.58 11.48 -35.01
CA ILE A 362 -13.99 12.71 -34.36
C ILE A 362 -13.46 13.93 -35.10
N THR A 363 -12.21 13.86 -35.59
CA THR A 363 -11.63 14.99 -36.29
C THR A 363 -12.17 15.13 -37.70
N SER A 364 -12.91 14.14 -38.19
CA SER A 364 -13.60 14.20 -39.46
C SER A 364 -15.03 14.71 -39.33
N SER A 365 -15.52 14.89 -38.09
CA SER A 365 -16.89 15.30 -37.88
C SER A 365 -17.10 16.71 -38.42
N ASN A 366 -18.31 16.93 -38.96
CA ASN A 366 -18.63 18.25 -39.52
C ASN A 366 -18.42 19.36 -38.49
N ILE A 367 -18.87 19.12 -37.24
CA ILE A 367 -18.82 20.16 -36.21
C ILE A 367 -17.46 20.30 -35.56
N TRP A 368 -16.48 19.48 -35.93
CA TRP A 368 -15.21 19.42 -35.21
C TRP A 368 -14.49 20.78 -35.23
N ASP A 369 -14.23 21.31 -36.42
CA ASP A 369 -13.49 22.58 -36.53
C ASP A 369 -14.16 23.68 -35.73
N LYS A 370 -15.49 23.81 -35.81
CA LYS A 370 -16.18 24.88 -35.10
C LYS A 370 -16.13 24.67 -33.59
N ALA A 371 -16.42 23.45 -33.14
CA ALA A 371 -16.39 23.18 -31.71
C ALA A 371 -15.00 23.39 -31.13
N THR A 372 -13.95 22.97 -31.84
CA THR A 372 -12.62 23.10 -31.28
C THR A 372 -12.15 24.56 -31.30
N ASP A 373 -12.55 25.32 -32.32
CA ASP A 373 -12.20 26.73 -32.37
C ASP A 373 -12.83 27.49 -31.22
N LEU A 374 -14.13 27.29 -31.01
CA LEU A 374 -14.88 27.97 -29.95
C LEU A 374 -14.47 27.48 -28.56
N GLY A 375 -13.81 26.33 -28.46
CA GLY A 375 -13.48 25.76 -27.17
C GLY A 375 -14.58 24.93 -26.56
N ILE A 376 -15.61 24.58 -27.33
CA ILE A 376 -16.67 23.71 -26.85
C ILE A 376 -16.17 22.28 -26.68
N LEU A 377 -15.17 21.90 -27.46
CA LEU A 377 -14.53 20.59 -27.34
C LEU A 377 -13.04 20.77 -27.51
N SER A 378 -12.26 20.06 -26.71
CA SER A 378 -10.80 20.06 -26.87
C SER A 378 -10.33 18.63 -26.63
N ILE A 379 -9.64 18.05 -27.60
CA ILE A 379 -9.02 16.74 -27.38
C ILE A 379 -7.58 16.83 -27.88
N PRO A 380 -6.66 17.35 -27.06
CA PRO A 380 -5.26 17.51 -27.51
C PRO A 380 -4.61 16.24 -28.07
N VAL A 381 -4.91 15.06 -27.53
CA VAL A 381 -4.26 13.84 -28.04
C VAL A 381 -4.70 13.52 -29.46
N ALA A 382 -5.84 14.07 -29.90
CA ALA A 382 -6.35 13.82 -31.24
C ALA A 382 -5.68 14.69 -32.30
N GLU A 383 -4.94 15.73 -31.90
CA GLU A 383 -4.24 16.56 -32.86
C GLU A 383 -2.87 15.95 -33.16
N ASP A 384 -2.53 15.88 -34.45
CA ASP A 384 -1.25 15.31 -34.90
C ASP A 384 -1.03 13.89 -34.38
N TYR A 385 -2.10 13.10 -34.25
CA TYR A 385 -1.89 11.71 -33.85
C TYR A 385 -1.16 10.92 -34.92
N GLU A 386 -1.36 11.28 -36.20
CA GLU A 386 -0.76 10.53 -37.30
C GLU A 386 0.76 10.53 -37.22
N SER A 387 1.36 11.59 -36.69
CA SER A 387 2.82 11.72 -36.65
C SER A 387 3.45 10.96 -35.48
N LEU A 388 2.66 10.21 -34.73
CA LEU A 388 3.13 9.43 -33.59
C LEU A 388 3.45 8.00 -34.01
N ASP A 389 4.48 7.42 -33.40
CA ASP A 389 4.80 6.02 -33.70
C ASP A 389 3.78 5.06 -33.13
N PHE A 390 3.02 5.49 -32.12
CA PHE A 390 1.94 4.74 -31.51
C PHE A 390 1.04 5.74 -30.80
N VAL A 391 -0.10 5.26 -30.34
CA VAL A 391 -1.04 6.08 -29.57
C VAL A 391 -1.27 5.39 -28.23
N THR A 392 -1.94 6.11 -27.33
CA THR A 392 -2.32 5.55 -26.04
C THR A 392 -3.83 5.41 -25.94
N HIS A 393 -4.23 4.64 -24.93
CA HIS A 393 -5.63 4.38 -24.59
C HIS A 393 -6.29 5.54 -23.85
N ILE A 394 -5.52 6.54 -23.43
CA ILE A 394 -6.04 7.60 -22.57
C ILE A 394 -6.48 8.76 -23.45
N VAL A 395 -7.77 9.06 -23.42
CA VAL A 395 -8.35 10.09 -24.28
C VAL A 395 -9.03 11.08 -23.34
N PRO A 396 -8.32 12.09 -22.84
CA PRO A 396 -8.98 13.11 -22.01
C PRO A 396 -9.75 14.05 -22.93
N ILE A 397 -11.01 14.31 -22.60
CA ILE A 397 -11.86 15.22 -23.39
C ILE A 397 -12.22 16.40 -22.51
N TRP A 398 -11.89 17.60 -23.00
CA TRP A 398 -12.21 18.87 -22.36
C TRP A 398 -13.41 19.53 -23.05
N THR A 399 -14.21 20.24 -22.26
CA THR A 399 -15.11 21.23 -22.82
C THR A 399 -14.86 22.54 -22.09
N ARG A 400 -15.80 23.47 -22.10
CA ARG A 400 -15.69 24.61 -21.21
C ARG A 400 -15.78 24.13 -19.77
N GLN A 401 -15.00 24.72 -18.88
CA GLN A 401 -15.01 24.28 -17.49
C GLN A 401 -16.41 24.27 -16.91
N LYS A 402 -17.22 25.29 -17.23
CA LYS A 402 -18.60 25.34 -16.73
C LYS A 402 -19.51 24.29 -17.37
N TYR A 403 -19.05 23.54 -18.38
CA TYR A 403 -19.86 22.51 -19.02
C TYR A 403 -19.44 21.09 -18.65
N ASN A 404 -18.41 20.92 -17.82
CA ASN A 404 -17.79 19.60 -17.72
C ASN A 404 -18.75 18.60 -17.10
N TRP A 405 -19.50 19.02 -16.07
CA TRP A 405 -20.49 18.12 -15.50
C TRP A 405 -21.63 17.86 -16.47
N TRP A 406 -22.02 18.88 -17.25
CA TRP A 406 -23.03 18.67 -18.29
C TRP A 406 -22.56 17.67 -19.33
N LEU A 407 -21.28 17.73 -19.71
CA LEU A 407 -20.72 16.75 -20.64
C LEU A 407 -20.79 15.35 -20.05
N PHE A 408 -20.39 15.19 -18.78
CA PHE A 408 -20.48 13.89 -18.13
C PHE A 408 -21.92 13.41 -18.08
N PHE A 409 -22.84 14.30 -17.67
CA PHE A 409 -24.26 13.97 -17.66
C PHE A 409 -24.72 13.50 -19.03
N HIS A 410 -24.29 14.18 -20.09
CA HIS A 410 -24.70 13.84 -21.44
C HIS A 410 -24.23 12.44 -21.82
N LEU A 411 -22.97 12.14 -21.52
CA LEU A 411 -22.43 10.80 -21.82
C LEU A 411 -23.13 9.75 -20.98
N GLN A 412 -23.27 10.01 -19.68
CA GLN A 412 -23.87 9.05 -18.76
C GLN A 412 -25.28 8.68 -19.19
N LEU A 413 -26.09 9.69 -19.51
CA LEU A 413 -27.47 9.42 -19.91
C LEU A 413 -27.53 8.74 -21.28
N ALA A 414 -26.54 8.94 -22.14
CA ALA A 414 -26.45 8.19 -23.38
C ALA A 414 -25.97 6.75 -23.18
N LYS A 415 -25.83 6.29 -21.93
CA LYS A 415 -25.36 4.94 -21.62
C LYS A 415 -23.92 4.72 -22.08
N ILE A 416 -23.09 5.75 -21.91
CA ILE A 416 -21.65 5.68 -22.13
C ILE A 416 -20.96 6.00 -20.82
N ALA A 417 -20.15 5.08 -20.32
CA ALA A 417 -19.49 5.25 -19.04
C ALA A 417 -18.11 5.85 -19.26
N VAL A 418 -17.85 6.99 -18.62
CA VAL A 418 -16.54 7.62 -18.55
C VAL A 418 -16.28 8.00 -17.10
N VAL A 419 -15.08 8.50 -16.82
CA VAL A 419 -14.72 8.97 -15.49
C VAL A 419 -14.66 10.49 -15.51
N PRO A 420 -15.47 11.17 -14.70
CA PRO A 420 -15.35 12.64 -14.58
C PRO A 420 -14.17 12.98 -13.67
N ILE A 421 -13.33 13.92 -14.10
CA ILE A 421 -12.08 14.22 -13.42
C ILE A 421 -12.10 15.66 -12.93
N ASP A 422 -11.97 15.84 -11.62
CA ASP A 422 -12.07 17.18 -11.07
C ASP A 422 -11.17 17.29 -9.85
N TYR A 423 -11.02 18.51 -9.34
CA TYR A 423 -10.25 18.71 -8.13
C TYR A 423 -10.81 17.85 -7.00
N PRO A 424 -9.96 17.22 -6.17
CA PRO A 424 -8.49 17.34 -6.10
C PRO A 424 -7.65 16.48 -7.05
N GLN A 425 -8.24 15.65 -7.93
CA GLN A 425 -7.42 14.83 -8.81
C GLN A 425 -6.59 15.68 -9.77
N VAL A 426 -7.09 16.85 -10.13
CA VAL A 426 -6.43 17.78 -11.03
C VAL A 426 -6.65 19.17 -10.47
N PRO A 427 -5.85 20.15 -10.91
CA PRO A 427 -6.02 21.51 -10.38
C PRO A 427 -7.40 22.05 -10.67
N LYS A 428 -7.82 23.01 -9.83
CA LYS A 428 -9.04 23.74 -10.10
C LYS A 428 -8.98 24.36 -11.48
N GLY A 429 -10.12 24.39 -12.16
CA GLY A 429 -10.19 24.92 -13.51
C GLY A 429 -9.61 24.02 -14.58
N LYS A 430 -9.22 22.79 -14.25
CA LYS A 430 -8.66 21.88 -15.24
C LYS A 430 -9.43 20.58 -15.31
N SER A 431 -10.71 20.62 -14.95
CA SER A 431 -11.55 19.43 -15.00
C SER A 431 -11.77 19.00 -16.45
N ARG A 432 -12.16 17.75 -16.59
CA ARG A 432 -12.21 17.09 -17.90
C ARG A 432 -12.97 15.79 -17.70
N VAL A 433 -13.18 15.03 -18.77
CA VAL A 433 -13.63 13.65 -18.65
C VAL A 433 -12.59 12.76 -19.30
N ARG A 434 -12.36 11.60 -18.72
CA ARG A 434 -11.34 10.69 -19.22
C ARG A 434 -12.05 9.50 -19.84
N VAL A 435 -11.95 9.39 -21.17
CA VAL A 435 -12.29 8.16 -21.88
C VAL A 435 -11.08 7.24 -21.86
N MET A 436 -11.31 5.98 -21.54
CA MET A 436 -10.34 4.90 -21.75
C MET A 436 -10.85 3.99 -22.88
N ILE A 437 -10.01 3.74 -23.90
CA ILE A 437 -10.33 2.79 -24.97
C ILE A 437 -9.71 1.43 -24.65
N HIS A 438 -10.50 0.35 -24.80
CA HIS A 438 -10.05 -0.98 -24.42
C HIS A 438 -10.06 -1.89 -25.64
N ALA A 439 -9.22 -2.92 -25.60
CA ALA A 439 -9.18 -3.91 -26.66
C ALA A 439 -10.57 -4.48 -26.93
N GLY A 440 -11.35 -4.64 -25.87
CA GLY A 440 -12.68 -5.20 -25.99
C GLY A 440 -13.73 -4.27 -26.56
N ASN A 441 -13.43 -2.98 -26.78
CA ASN A 441 -14.43 -2.10 -27.37
C ASN A 441 -14.57 -2.37 -28.87
N THR A 442 -15.56 -1.73 -29.49
CA THR A 442 -15.87 -1.99 -30.89
C THR A 442 -15.98 -0.68 -31.67
N GLU A 443 -15.82 -0.80 -33.00
CA GLU A 443 -15.96 0.38 -33.84
C GLU A 443 -17.36 0.98 -33.73
N GLU A 444 -18.38 0.13 -33.60
CA GLU A 444 -19.74 0.63 -33.42
C GLU A 444 -19.86 1.44 -32.13
N GLN A 445 -19.21 0.98 -31.06
CA GLN A 445 -19.21 1.75 -29.82
C GLN A 445 -18.46 3.07 -30.00
N VAL A 446 -17.37 3.07 -30.75
CA VAL A 446 -16.68 4.33 -30.99
C VAL A 446 -17.55 5.25 -31.83
N ASP A 447 -18.24 4.70 -32.84
CA ASP A 447 -19.17 5.49 -33.63
C ASP A 447 -20.21 6.19 -32.76
N TYR A 448 -20.77 5.46 -31.81
CA TYR A 448 -21.78 6.01 -30.93
C TYR A 448 -21.19 7.09 -30.02
N LEU A 449 -19.94 6.89 -29.59
CA LEU A 449 -19.26 7.92 -28.80
C LEU A 449 -19.04 9.19 -29.62
N VAL A 450 -18.60 9.03 -30.86
CA VAL A 450 -18.38 10.20 -31.71
C VAL A 450 -19.69 10.95 -31.91
N ALA A 451 -20.77 10.21 -32.21
CA ALA A 451 -22.09 10.83 -32.43
C ALA A 451 -22.58 11.54 -31.18
N THR A 452 -22.41 10.91 -30.01
CA THR A 452 -22.86 11.52 -28.77
C THR A 452 -22.09 12.81 -28.49
N LEU A 453 -20.78 12.82 -28.75
CA LEU A 453 -19.98 14.02 -28.55
C LEU A 453 -20.39 15.14 -29.50
N CYS A 454 -20.66 14.79 -30.76
CA CYS A 454 -21.09 15.78 -31.74
C CYS A 454 -22.46 16.35 -31.40
N ASP A 455 -23.38 15.51 -30.93
CA ASP A 455 -24.65 16.01 -30.43
C ASP A 455 -24.42 17.02 -29.31
N PHE A 456 -23.55 16.68 -28.36
CA PHE A 456 -23.29 17.61 -27.26
C PHE A 456 -22.70 18.91 -27.76
N ALA A 457 -21.81 18.84 -28.76
CA ALA A 457 -21.19 20.06 -29.27
C ALA A 457 -22.22 20.96 -29.95
N ASN A 458 -23.04 20.38 -30.83
CA ASN A 458 -24.07 21.16 -31.53
C ASN A 458 -25.03 21.81 -30.56
N GLU A 459 -25.45 21.07 -29.54
CA GLU A 459 -26.40 21.60 -28.58
C GLU A 459 -25.81 22.80 -27.84
N MET A 460 -24.56 22.70 -27.41
CA MET A 460 -23.95 23.80 -26.66
C MET A 460 -23.64 24.98 -27.56
N ILE A 461 -23.22 24.72 -28.79
CA ILE A 461 -23.07 25.81 -29.77
C ILE A 461 -24.40 26.53 -29.95
N ASP A 462 -25.47 25.76 -30.12
CA ASP A 462 -26.81 26.32 -30.31
C ASP A 462 -27.19 27.21 -29.12
N ILE A 463 -26.97 26.71 -27.91
CA ILE A 463 -27.29 27.49 -26.70
C ILE A 463 -26.48 28.78 -26.68
N GLU A 464 -25.19 28.69 -27.00
CA GLU A 464 -24.36 29.89 -26.94
C GLU A 464 -24.80 30.92 -27.98
N GLU A 465 -25.24 30.47 -29.15
CA GLU A 465 -25.65 31.40 -30.19
C GLU A 465 -27.06 31.92 -29.97
N GLY A 466 -27.91 31.20 -29.21
CA GLY A 466 -29.26 31.63 -28.96
C GLY A 466 -29.38 32.86 -28.06
N GLY A 467 -28.35 33.15 -27.27
CA GLY A 467 -28.36 34.33 -26.43
C GLY A 467 -29.19 34.24 -25.18
N GLU A 468 -29.65 33.05 -24.80
CA GLU A 468 -30.39 32.83 -23.57
C GLU A 468 -29.44 32.18 -22.57
N LYS A 469 -28.87 33.00 -21.68
CA LYS A 469 -27.83 32.52 -20.79
C LYS A 469 -28.35 31.54 -19.74
N GLY A 470 -29.65 31.48 -19.53
CA GLY A 470 -30.17 30.51 -18.61
C GLY A 470 -30.50 29.15 -19.20
N LYS A 471 -30.29 28.94 -20.49
CA LYS A 471 -30.75 27.72 -21.13
C LYS A 471 -29.82 26.54 -20.80
N ILE A 472 -30.41 25.42 -20.40
CA ILE A 472 -29.72 24.23 -19.91
C ILE A 472 -29.81 23.14 -20.96
N PRO A 473 -28.75 22.37 -21.23
CA PRO A 473 -28.85 21.28 -22.21
C PRO A 473 -29.73 20.15 -21.69
N LYS A 474 -30.14 19.29 -22.63
CA LYS A 474 -31.21 18.35 -22.33
C LYS A 474 -30.79 17.31 -21.30
N ALA A 475 -29.57 16.78 -21.40
CA ALA A 475 -29.10 15.83 -20.39
C ALA A 475 -29.05 16.49 -19.01
N ALA A 476 -28.49 17.69 -18.93
CA ALA A 476 -28.45 18.38 -17.65
C ALA A 476 -29.86 18.68 -17.13
N GLN A 477 -30.81 18.93 -18.04
CA GLN A 477 -32.19 19.11 -17.62
C GLN A 477 -32.69 17.89 -16.86
N GLU A 478 -32.45 16.70 -17.42
CA GLU A 478 -32.94 15.48 -16.78
C GLU A 478 -32.31 15.28 -15.41
N ILE A 479 -31.00 15.54 -15.29
CA ILE A 479 -30.35 15.43 -14.00
C ILE A 479 -30.97 16.40 -13.00
N TYR A 480 -31.20 17.65 -13.43
CA TYR A 480 -31.79 18.62 -12.53
C TYR A 480 -33.22 18.25 -12.15
N ALA A 481 -33.95 17.61 -13.07
CA ALA A 481 -35.28 17.12 -12.72
C ALA A 481 -35.21 16.07 -11.62
N LEU A 482 -34.26 15.14 -11.73
CA LEU A 482 -34.15 14.08 -10.72
C LEU A 482 -33.65 14.64 -9.39
N MET A 483 -32.80 15.67 -9.43
CA MET A 483 -32.44 16.37 -8.21
C MET A 483 -33.66 17.00 -7.56
N ALA A 484 -34.52 17.62 -8.37
CA ALA A 484 -35.73 18.26 -7.85
C ALA A 484 -36.63 17.25 -7.15
N ALA A 485 -36.82 16.08 -7.78
CA ALA A 485 -37.57 15.01 -7.15
C ALA A 485 -37.00 14.67 -5.77
N HIS A 486 -35.81 14.06 -5.76
CA HIS A 486 -35.20 13.62 -4.51
C HIS A 486 -34.47 14.75 -3.81
N GLY B 22 23.47 -26.61 8.27
CA GLY B 22 23.15 -27.00 6.91
C GLY B 22 22.50 -25.87 6.12
N LYS B 23 21.16 -25.80 6.19
CA LYS B 23 20.47 -24.61 5.69
C LYS B 23 20.73 -23.42 6.61
N VAL B 24 20.79 -23.67 7.92
CA VAL B 24 21.09 -22.61 8.88
C VAL B 24 22.47 -22.02 8.61
N VAL B 25 23.46 -22.89 8.37
CA VAL B 25 24.82 -22.37 8.17
C VAL B 25 24.93 -21.61 6.85
N SER B 26 24.22 -22.06 5.82
CA SER B 26 24.30 -21.36 4.54
C SER B 26 23.55 -20.03 4.58
N GLU B 27 22.38 -20.01 5.21
CA GLU B 27 21.71 -18.72 5.45
C GLU B 27 22.61 -17.78 6.25
N MET B 28 23.38 -18.33 7.19
CA MET B 28 24.24 -17.52 8.04
C MET B 28 25.51 -17.08 7.32
N ILE B 29 26.04 -17.91 6.42
CA ILE B 29 27.21 -17.48 5.65
C ILE B 29 26.84 -16.36 4.69
N ALA B 30 25.72 -16.53 3.99
CA ALA B 30 25.23 -15.48 3.10
C ALA B 30 25.00 -14.18 3.87
N TRP B 31 24.47 -14.28 5.09
CA TRP B 31 24.28 -13.09 5.91
C TRP B 31 25.62 -12.43 6.25
N ILE B 32 26.62 -13.24 6.63
CA ILE B 32 27.93 -12.69 6.96
C ILE B 32 28.54 -11.96 5.76
N LYS B 33 28.49 -12.58 4.58
CA LYS B 33 29.08 -11.97 3.39
C LYS B 33 28.39 -10.67 3.00
N SER B 34 27.08 -10.59 3.21
CA SER B 34 26.37 -9.35 2.90
C SER B 34 26.76 -8.18 3.80
N GLN B 35 27.45 -8.42 4.93
CA GLN B 35 27.86 -7.29 5.76
C GLN B 35 29.25 -6.75 5.38
N LYS B 36 29.95 -7.38 4.44
CA LYS B 36 31.25 -6.86 3.98
C LYS B 36 31.05 -5.54 3.23
N LEU B 37 31.84 -4.52 3.58
CA LEU B 37 31.65 -3.19 3.00
C LEU B 37 31.92 -3.19 1.51
N ILE B 38 31.06 -2.47 0.78
CA ILE B 38 31.11 -2.47 -0.67
C ILE B 38 31.70 -1.17 -1.24
N ALA B 39 31.55 -0.02 -0.55
CA ALA B 39 32.04 1.24 -1.08
C ALA B 39 33.51 1.20 -1.52
N PRO B 40 34.42 0.44 -0.86
CA PRO B 40 35.82 0.42 -1.35
C PRO B 40 35.98 -0.21 -2.74
N ARG B 41 35.00 -0.98 -3.22
CA ARG B 41 35.02 -1.52 -4.56
C ARG B 41 34.29 -0.66 -5.57
N MET B 42 33.76 0.49 -5.17
CA MET B 42 32.94 1.33 -6.03
C MET B 42 33.64 2.63 -6.44
N LYS B 43 34.95 2.73 -6.24
CA LYS B 43 35.62 4.02 -6.44
C LYS B 43 35.47 4.52 -7.87
N ASP B 44 35.35 3.62 -8.84
CA ASP B 44 35.21 4.03 -10.23
C ASP B 44 33.81 3.83 -10.78
N ALA B 45 32.83 3.50 -9.93
CA ALA B 45 31.45 3.38 -10.39
C ALA B 45 30.81 4.76 -10.52
N PRO B 46 29.68 4.84 -11.24
CA PRO B 46 28.92 6.09 -11.29
C PRO B 46 28.52 6.59 -9.90
N THR B 47 28.50 7.93 -9.77
CA THR B 47 28.13 8.60 -8.51
C THR B 47 26.89 8.00 -7.87
N PHE B 48 25.85 7.81 -8.67
CA PHE B 48 24.57 7.35 -8.14
C PHE B 48 24.72 6.02 -7.42
N TYR B 49 25.36 5.04 -8.05
CA TYR B 49 25.52 3.75 -7.41
C TYR B 49 26.56 3.80 -6.28
N ARG B 50 27.61 4.61 -6.42
CA ARG B 50 28.58 4.75 -5.32
C ARG B 50 27.88 5.17 -4.04
N ASN B 51 27.00 6.15 -4.14
CA ASN B 51 26.39 6.73 -2.95
C ASN B 51 25.35 5.79 -2.35
N LEU B 52 24.66 5.00 -3.19
CA LEU B 52 23.77 4.00 -2.63
C LEU B 52 24.55 2.93 -1.86
N GLU B 53 25.69 2.48 -2.40
CA GLU B 53 26.46 1.47 -1.68
C GLU B 53 27.10 2.05 -0.43
N GLU B 54 27.44 3.35 -0.42
CA GLU B 54 27.79 3.99 0.84
C GLU B 54 26.64 3.89 1.85
N ALA B 55 25.40 4.20 1.43
CA ALA B 55 24.27 4.11 2.35
C ALA B 55 24.05 2.68 2.84
N LEU B 56 24.21 1.69 1.95
CA LEU B 56 24.12 0.31 2.41
C LEU B 56 25.26 -0.01 3.39
N ASP B 57 26.45 0.51 3.13
CA ASP B 57 27.56 0.29 4.04
C ASP B 57 27.27 0.82 5.44
N VAL B 58 26.40 1.83 5.59
CA VAL B 58 26.08 2.30 6.94
C VAL B 58 25.46 1.17 7.75
N ARG B 59 24.50 0.46 7.13
CA ARG B 59 23.84 -0.66 7.79
C ARG B 59 24.77 -1.86 7.91
N ARG B 60 25.55 -2.16 6.86
CA ARG B 60 26.56 -3.22 6.94
C ARG B 60 27.51 -3.03 8.10
N SER B 61 27.90 -1.78 8.37
CA SER B 61 28.91 -1.52 9.40
C SER B 61 28.44 -1.86 10.81
N THR B 62 27.12 -2.01 11.01
CA THR B 62 26.57 -2.51 12.28
C THR B 62 25.97 -3.90 12.14
N GLN B 63 26.38 -4.64 11.12
CA GLN B 63 25.82 -5.96 10.79
C GLN B 63 24.29 -5.94 10.78
N SER B 64 23.71 -4.86 10.25
CA SER B 64 22.25 -4.77 10.20
C SER B 64 21.70 -4.73 8.77
N LEU B 65 22.50 -5.02 7.76
CA LEU B 65 21.92 -5.05 6.41
C LEU B 65 20.99 -6.25 6.26
N MET B 66 19.80 -6.00 5.72
CA MET B 66 18.81 -7.06 5.50
C MET B 66 18.80 -7.47 4.04
N THR B 67 18.61 -8.77 3.80
CA THR B 67 18.63 -9.26 2.43
C THR B 67 17.50 -10.23 2.20
N ARG B 68 17.67 -11.47 2.65
CA ARG B 68 16.73 -12.53 2.34
C ARG B 68 15.95 -13.03 3.55
N GLY B 69 16.15 -12.43 4.72
CA GLY B 69 15.34 -12.71 5.89
C GLY B 69 15.66 -14.05 6.53
N GLN B 70 14.71 -14.49 7.36
CA GLN B 70 14.81 -15.71 8.17
C GLN B 70 13.86 -16.75 7.58
N SER B 71 14.41 -17.76 6.90
CA SER B 71 13.56 -18.73 6.19
C SER B 71 13.86 -20.19 6.51
N THR B 72 14.74 -20.48 7.47
CA THR B 72 15.13 -21.86 7.76
C THR B 72 13.95 -22.71 8.22
N TRP B 73 12.90 -22.10 8.76
CA TRP B 73 11.73 -22.86 9.22
C TRP B 73 10.86 -23.32 8.07
N LYS B 74 10.88 -22.62 6.94
CA LYS B 74 9.97 -22.95 5.85
C LYS B 74 10.34 -24.27 5.22
N THR B 75 11.63 -24.57 5.19
CA THR B 75 12.17 -25.84 4.72
C THR B 75 12.21 -26.91 5.80
N GLY B 76 11.58 -26.66 6.94
CA GLY B 76 11.61 -27.60 8.05
C GLY B 76 12.93 -27.72 8.76
N ASP B 77 13.96 -26.99 8.35
CA ASP B 77 15.29 -27.09 8.94
C ASP B 77 15.40 -26.40 10.30
N ALA B 78 14.34 -25.75 10.76
CA ALA B 78 14.31 -25.14 12.08
C ALA B 78 12.86 -25.08 12.56
N ILE B 79 12.69 -25.03 13.89
CA ILE B 79 11.36 -24.83 14.46
C ILE B 79 10.89 -23.42 14.16
N ASP B 80 9.63 -23.28 13.75
CA ASP B 80 9.07 -21.94 13.56
C ASP B 80 8.62 -21.36 14.90
N PHE B 81 9.52 -20.63 15.55
CA PHE B 81 9.14 -19.71 16.62
C PHE B 81 9.34 -18.26 16.19
N CYS B 82 9.12 -17.97 14.91
CA CYS B 82 9.37 -16.62 14.42
C CYS B 82 8.31 -16.07 13.47
N SER B 83 7.54 -16.88 12.75
CA SER B 83 6.67 -16.36 11.70
C SER B 83 5.39 -15.73 12.26
N ASN B 84 4.65 -15.07 11.38
CA ASN B 84 3.38 -14.44 11.76
C ASN B 84 2.17 -15.32 11.48
N ASP B 85 2.38 -16.60 11.14
CA ASP B 85 1.26 -17.51 10.81
C ASP B 85 0.69 -18.04 12.13
N LEU B 86 -0.02 -17.14 12.83
CA LEU B 86 -0.30 -17.33 14.26
C LEU B 86 -1.23 -18.50 14.51
N LEU B 87 -2.27 -18.67 13.70
CA LEU B 87 -3.18 -19.80 13.82
C LEU B 87 -2.74 -21.02 13.01
N SER B 88 -1.59 -20.96 12.33
CA SER B 88 -1.10 -22.00 11.42
C SER B 88 -2.10 -22.32 10.29
N LEU B 89 -2.92 -21.33 9.91
CA LEU B 89 -3.80 -21.49 8.76
C LEU B 89 -3.04 -21.56 7.44
N GLY B 90 -1.88 -20.91 7.37
CA GLY B 90 -1.04 -21.10 6.20
C GLY B 90 -0.39 -22.47 6.17
N LEU B 91 0.23 -22.86 7.29
CA LEU B 91 0.98 -24.11 7.38
C LEU B 91 0.14 -25.33 7.02
N THR B 92 -1.11 -25.38 7.50
CA THR B 92 -1.98 -26.54 7.33
C THR B 92 -2.67 -26.59 5.98
N GLY B 93 -2.69 -25.48 5.24
CA GLY B 93 -3.49 -25.39 4.04
C GLY B 93 -4.97 -25.15 4.29
N GLU B 94 -5.36 -24.96 5.55
CA GLU B 94 -6.77 -24.77 5.87
C GLU B 94 -7.33 -23.50 5.23
N LEU B 95 -6.59 -22.40 5.29
CA LEU B 95 -7.01 -21.19 4.57
C LEU B 95 -7.04 -21.42 3.06
N ARG B 96 -5.99 -22.05 2.51
CA ARG B 96 -5.94 -22.32 1.07
C ARG B 96 -7.17 -23.08 0.60
N ARG B 97 -7.57 -24.10 1.35
CA ARG B 97 -8.72 -24.90 0.93
C ARG B 97 -10.00 -24.07 0.91
N GLU B 98 -10.21 -23.22 1.93
CA GLU B 98 -11.39 -22.37 1.96
C GLU B 98 -11.33 -21.30 0.88
N PHE B 99 -10.13 -20.76 0.62
CA PHE B 99 -9.94 -19.81 -0.47
C PHE B 99 -10.34 -20.41 -1.80
N LEU B 100 -9.89 -21.64 -2.08
CA LEU B 100 -10.23 -22.27 -3.35
C LEU B 100 -11.72 -22.60 -3.41
N ALA B 101 -12.30 -23.02 -2.29
CA ALA B 101 -13.75 -23.22 -2.23
C ALA B 101 -14.48 -21.94 -2.59
N GLU B 102 -14.03 -20.81 -2.04
CA GLU B 102 -14.70 -19.54 -2.32
C GLU B 102 -14.63 -19.18 -3.79
N LEU B 103 -13.46 -19.38 -4.43
CA LEU B 103 -13.35 -19.09 -5.86
C LEU B 103 -14.25 -20.01 -6.67
N ALA B 104 -14.38 -21.27 -6.24
CA ALA B 104 -15.24 -22.22 -6.93
C ALA B 104 -16.72 -21.85 -6.84
N ARG B 105 -17.13 -21.09 -5.81
CA ARG B 105 -18.52 -20.65 -5.73
C ARG B 105 -18.82 -19.50 -6.67
N HIS B 106 -17.81 -18.93 -7.32
CA HIS B 106 -17.98 -17.82 -8.25
C HIS B 106 -17.23 -18.10 -9.54
N PRO B 107 -17.63 -19.14 -10.28
CA PRO B 107 -16.77 -19.63 -11.38
C PRO B 107 -16.56 -18.62 -12.49
N ASP B 108 -17.39 -17.59 -12.61
CA ASP B 108 -17.21 -16.59 -13.64
C ASP B 108 -16.76 -15.26 -13.07
N PHE B 109 -15.96 -15.29 -12.00
CA PHE B 109 -15.70 -14.06 -11.27
C PHE B 109 -14.95 -13.05 -12.13
N SER B 110 -15.24 -11.77 -11.88
CA SER B 110 -14.56 -10.65 -12.54
C SER B 110 -13.29 -10.39 -11.75
N LEU B 111 -12.15 -10.81 -12.27
CA LEU B 111 -10.93 -10.75 -11.46
C LEU B 111 -10.55 -9.30 -11.13
N HIS B 112 -10.58 -8.42 -12.11
CA HIS B 112 -10.03 -7.08 -12.01
C HIS B 112 -11.07 -6.12 -11.41
N SER B 113 -10.65 -5.30 -10.45
CA SER B 113 -11.61 -4.35 -9.85
C SER B 113 -12.12 -3.35 -10.88
N GLY B 114 -11.24 -2.86 -11.75
CA GLY B 114 -11.57 -1.85 -12.72
C GLY B 114 -10.85 -0.52 -12.52
N GLY B 115 -10.29 -0.27 -11.35
CA GLY B 115 -9.61 0.99 -11.11
C GLY B 115 -9.73 1.38 -9.66
N SER B 116 -9.59 2.68 -9.41
CA SER B 116 -9.74 3.20 -8.05
C SER B 116 -11.10 2.83 -7.48
N ARG B 117 -11.13 2.62 -6.16
CA ARG B 117 -12.37 2.27 -5.47
C ARG B 117 -13.43 3.38 -5.59
N VAL B 118 -13.03 4.62 -5.82
CA VAL B 118 -13.99 5.71 -5.97
C VAL B 118 -14.15 6.13 -7.43
N MET B 119 -13.53 5.40 -8.35
CA MET B 119 -13.79 5.63 -9.77
C MET B 119 -14.30 4.33 -10.40
N GLY B 120 -13.49 3.67 -11.21
CA GLY B 120 -14.02 2.50 -11.90
C GLY B 120 -14.01 1.18 -11.13
N GLY B 121 -13.52 1.17 -9.89
CA GLY B 121 -13.18 -0.06 -9.20
C GLY B 121 -14.07 -0.56 -8.10
N ASN B 122 -15.27 -0.01 -7.90
CA ASN B 122 -16.16 -0.54 -6.88
C ASN B 122 -17.02 -1.65 -7.48
N TYR B 123 -17.43 -2.62 -6.65
CA TYR B 123 -18.28 -3.70 -7.15
C TYR B 123 -18.98 -4.39 -5.99
N ASP B 124 -20.02 -5.16 -6.34
CA ASP B 124 -20.94 -5.73 -5.34
C ASP B 124 -20.21 -6.64 -4.35
N TYR B 125 -19.34 -7.51 -4.88
CA TYR B 125 -18.75 -8.54 -4.03
C TYR B 125 -17.90 -7.93 -2.92
N ILE B 126 -17.09 -6.90 -3.23
CA ILE B 126 -16.24 -6.34 -2.18
C ILE B 126 -17.08 -5.60 -1.14
N GLU B 127 -18.17 -4.94 -1.56
CA GLU B 127 -19.05 -4.30 -0.58
C GLU B 127 -19.75 -5.33 0.30
N ALA B 128 -20.18 -6.46 -0.29
CA ALA B 128 -20.81 -7.50 0.52
C ALA B 128 -19.84 -8.13 1.50
N VAL B 129 -18.60 -8.40 1.07
CA VAL B 129 -17.64 -8.99 1.99
C VAL B 129 -17.32 -8.00 3.10
N GLU B 130 -17.17 -6.72 2.75
CA GLU B 130 -16.95 -5.71 3.79
C GLU B 130 -18.06 -5.73 4.84
N GLN B 131 -19.32 -5.89 4.40
CA GLN B 131 -20.41 -5.80 5.36
C GLN B 131 -20.48 -7.06 6.23
N GLU B 132 -20.14 -8.22 5.67
CA GLU B 132 -20.01 -9.43 6.46
C GLU B 132 -19.03 -9.25 7.60
N ILE B 133 -17.85 -8.69 7.28
CA ILE B 133 -16.81 -8.53 8.29
C ILE B 133 -17.25 -7.52 9.34
N ALA B 134 -17.84 -6.40 8.90
CA ALA B 134 -18.31 -5.41 9.85
C ALA B 134 -19.32 -6.03 10.82
N ASP B 135 -20.27 -6.79 10.30
CA ASP B 135 -21.28 -7.43 11.13
C ASP B 135 -20.67 -8.41 12.12
N PHE B 136 -19.73 -9.25 11.65
CA PHE B 136 -19.10 -10.22 12.54
C PHE B 136 -18.31 -9.54 13.64
N LEU B 137 -17.71 -8.39 13.34
CA LEU B 137 -16.87 -7.68 14.30
C LEU B 137 -17.63 -6.61 15.07
N GLY B 138 -18.91 -6.43 14.81
CA GLY B 138 -19.70 -5.49 15.59
C GLY B 138 -19.47 -4.04 15.23
N ALA B 139 -19.30 -3.75 13.94
CA ALA B 139 -19.13 -2.39 13.45
C ALA B 139 -20.17 -2.08 12.40
N GLU B 140 -20.44 -0.79 12.21
CA GLU B 140 -21.48 -0.38 11.26
C GLU B 140 -21.04 -0.61 9.82
N THR B 141 -19.78 -0.29 9.50
CA THR B 141 -19.26 -0.42 8.15
C THR B 141 -17.82 -0.91 8.21
N ALA B 142 -17.34 -1.37 7.05
CA ALA B 142 -15.95 -1.78 6.90
C ALA B 142 -15.45 -1.33 5.54
N LEU B 143 -14.18 -0.93 5.50
CA LEU B 143 -13.53 -0.49 4.26
C LEU B 143 -12.26 -1.29 4.09
N MET B 144 -12.10 -1.94 2.95
CA MET B 144 -10.98 -2.85 2.73
C MET B 144 -9.78 -2.14 2.11
N PHE B 145 -8.58 -2.49 2.58
CA PHE B 145 -7.31 -1.96 2.08
C PHE B 145 -6.41 -3.13 1.71
N ASN B 146 -5.35 -2.84 0.95
CA ASN B 146 -4.44 -3.94 0.61
C ASN B 146 -3.44 -4.25 1.73
N SER B 147 -3.41 -3.48 2.82
CA SER B 147 -2.60 -3.87 3.98
C SER B 147 -3.08 -3.09 5.21
N GLY B 148 -2.62 -3.56 6.37
CA GLY B 148 -2.81 -2.76 7.57
C GLY B 148 -2.07 -1.44 7.49
N SER B 149 -0.84 -1.47 6.95
CA SER B 149 -0.05 -0.24 6.82
C SER B 149 -0.81 0.82 6.04
N ASN B 150 -1.39 0.43 4.89
CA ASN B 150 -2.16 1.39 4.09
C ASN B 150 -3.45 1.85 4.80
N GLY B 151 -4.05 0.99 5.61
CA GLY B 151 -5.20 1.44 6.41
C GLY B 151 -4.84 2.53 7.41
N ASN B 152 -3.71 2.37 8.10
CA ASN B 152 -3.21 3.42 9.00
C ASN B 152 -2.83 4.68 8.23
N ILE B 153 -2.21 4.54 7.05
CA ILE B 153 -1.91 5.71 6.25
C ILE B 153 -3.19 6.48 5.92
N ALA B 154 -4.23 5.76 5.50
CA ALA B 154 -5.50 6.39 5.17
C ALA B 154 -6.11 7.09 6.38
N ILE B 155 -6.10 6.41 7.53
CA ILE B 155 -6.74 6.95 8.75
C ILE B 155 -6.13 8.30 9.12
N TYR B 156 -4.80 8.34 9.29
CA TYR B 156 -4.18 9.55 9.84
C TYR B 156 -3.98 10.64 8.80
N THR B 157 -4.11 10.33 7.51
CA THR B 157 -4.13 11.42 6.52
C THR B 157 -5.53 11.96 6.29
N ALA B 158 -6.56 11.15 6.43
CA ALA B 158 -7.90 11.59 6.11
C ALA B 158 -8.72 12.03 7.31
N ILE B 159 -8.50 11.44 8.48
CA ILE B 159 -9.41 11.63 9.61
C ILE B 159 -9.07 12.90 10.41
N PRO B 160 -7.83 13.11 10.89
CA PRO B 160 -7.57 14.29 11.71
C PRO B 160 -7.79 15.59 10.95
N ARG B 161 -8.47 16.59 11.64
CA ARG B 161 -8.82 17.90 11.12
C ARG B 161 -7.82 18.94 11.61
N PRO B 162 -7.61 20.00 10.84
CA PRO B 162 -6.85 21.15 11.35
C PRO B 162 -7.44 21.59 12.68
N GLY B 163 -6.58 21.75 13.68
CA GLY B 163 -6.99 22.08 15.03
C GLY B 163 -7.17 20.88 15.93
N ASP B 164 -7.25 19.66 15.37
CA ASP B 164 -7.29 18.46 16.21
C ASP B 164 -5.92 18.21 16.82
N ALA B 165 -5.91 17.36 17.84
CA ALA B 165 -4.68 16.89 18.44
C ALA B 165 -4.70 15.37 18.44
N ILE B 166 -3.52 14.78 18.24
CA ILE B 166 -3.37 13.34 18.29
C ILE B 166 -2.47 12.99 19.47
N VAL B 167 -2.94 12.08 20.31
CA VAL B 167 -2.23 11.57 21.46
C VAL B 167 -2.05 10.08 21.25
N TYR B 168 -0.80 9.64 21.14
CA TYR B 168 -0.52 8.27 20.69
C TYR B 168 0.46 7.58 21.63
N ASP B 169 0.27 6.28 21.81
CA ASP B 169 1.27 5.46 22.47
C ASP B 169 2.57 5.51 21.68
N GLU B 170 3.69 5.68 22.38
CA GLU B 170 4.95 5.88 21.68
C GLU B 170 5.28 4.69 20.77
N LEU B 171 4.70 3.51 21.01
CA LEU B 171 5.05 2.31 20.25
C LEU B 171 4.03 1.95 19.17
N VAL B 172 3.25 2.92 18.69
CA VAL B 172 2.39 2.63 17.55
C VAL B 172 3.26 2.28 16.35
N HIS B 173 2.61 1.66 15.35
CA HIS B 173 3.31 1.07 14.22
C HIS B 173 3.93 2.14 13.33
N PHE B 174 4.98 1.75 12.60
CA PHE B 174 5.62 2.60 11.60
C PHE B 174 4.61 3.33 10.72
N SER B 175 3.57 2.62 10.29
CA SER B 175 2.61 3.23 9.37
C SER B 175 1.79 4.31 10.07
N THR B 176 1.59 4.19 11.38
CA THR B 176 0.91 5.25 12.12
C THR B 176 1.78 6.50 12.24
N HIS B 177 3.06 6.33 12.60
CA HIS B 177 4.01 7.44 12.63
C HIS B 177 4.06 8.17 11.29
N THR B 178 4.13 7.40 10.20
CA THR B 178 4.13 7.95 8.84
C THR B 178 2.84 8.70 8.57
N GLY B 179 1.70 8.09 8.91
CA GLY B 179 0.43 8.74 8.65
C GLY B 179 0.25 10.01 9.44
N MET B 180 0.63 9.99 10.72
CA MET B 180 0.54 11.18 11.56
C MET B 180 1.42 12.32 11.04
N ALA B 181 2.62 11.98 10.54
CA ALA B 181 3.53 13.02 10.04
C ALA B 181 3.00 13.70 8.79
N ALA B 182 2.13 13.02 8.05
CA ALA B 182 1.50 13.57 6.86
C ALA B 182 0.11 14.08 7.14
N SER B 183 -0.27 14.21 8.42
CA SER B 183 -1.61 14.56 8.84
C SER B 183 -1.83 16.07 8.77
N LEU B 184 -3.11 16.44 8.80
CA LEU B 184 -3.50 17.86 8.90
C LEU B 184 -3.50 18.35 10.34
N ALA B 185 -3.64 17.46 11.31
CA ALA B 185 -3.54 17.86 12.71
C ALA B 185 -2.13 18.36 13.00
N THR B 186 -2.06 19.50 13.67
CA THR B 186 -0.80 20.18 13.93
C THR B 186 -0.22 19.86 15.31
N THR B 187 -0.95 19.12 16.14
CA THR B 187 -0.48 18.73 17.47
C THR B 187 -0.42 17.22 17.56
N LYS B 188 0.77 16.68 17.77
CA LYS B 188 0.99 15.24 17.93
C LYS B 188 1.81 15.00 19.18
N VAL B 189 1.25 14.24 20.13
CA VAL B 189 1.85 14.04 21.45
C VAL B 189 2.00 12.55 21.71
N ALA B 190 3.22 12.11 21.99
CA ALA B 190 3.45 10.73 22.41
C ALA B 190 3.36 10.62 23.93
N PHE B 191 3.04 9.41 24.40
CA PHE B 191 3.11 9.12 25.84
C PHE B 191 3.82 7.80 26.06
N ARG B 192 4.42 7.65 27.23
CA ARG B 192 5.22 6.48 27.54
C ARG B 192 4.37 5.21 27.45
N HIS B 193 4.96 4.16 26.88
CA HIS B 193 4.20 2.99 26.43
C HIS B 193 3.31 2.41 27.52
N ASN B 194 2.02 2.34 27.23
CA ASN B 194 1.04 1.63 28.06
C ASN B 194 0.95 2.20 29.48
N ASP B 195 1.42 3.42 29.68
CA ASP B 195 1.50 4.06 30.99
C ASP B 195 0.27 4.95 31.19
N LEU B 196 -0.58 4.59 32.14
CA LEU B 196 -1.83 5.32 32.30
C LEU B 196 -1.59 6.72 32.85
N ASP B 197 -0.56 6.89 33.70
CA ASP B 197 -0.26 8.22 34.22
C ASP B 197 0.33 9.12 33.14
N ALA B 198 1.14 8.55 32.24
CA ALA B 198 1.65 9.34 31.14
C ALA B 198 0.55 9.71 30.17
N PHE B 199 -0.44 8.83 29.99
CA PHE B 199 -1.57 9.14 29.12
C PHE B 199 -2.38 10.29 29.70
N ARG B 200 -2.69 10.20 31.00
CA ARG B 200 -3.44 11.28 31.66
C ARG B 200 -2.70 12.61 31.53
N GLU B 201 -1.39 12.60 31.74
CA GLU B 201 -0.60 13.82 31.65
C GLU B 201 -0.58 14.37 30.22
N ALA B 202 -0.51 13.49 29.21
CA ALA B 202 -0.54 13.93 27.83
C ALA B 202 -1.90 14.53 27.45
N MET B 203 -2.98 13.89 27.89
CA MET B 203 -4.31 14.45 27.65
C MET B 203 -4.48 15.79 28.37
N SER B 204 -4.17 15.83 29.67
CA SER B 204 -4.35 17.05 30.47
C SER B 204 -3.59 18.23 29.87
N SER B 205 -2.28 18.03 29.68
CA SER B 205 -1.45 19.07 29.09
C SER B 205 -1.97 19.52 27.73
N THR B 206 -2.45 18.57 26.91
CA THR B 206 -2.93 18.94 25.58
C THR B 206 -4.23 19.71 25.64
N MET B 207 -5.19 19.22 26.43
CA MET B 207 -6.45 19.92 26.60
C MET B 207 -6.23 21.34 27.12
N ASP B 208 -5.40 21.46 28.17
CA ASP B 208 -5.20 22.76 28.83
C ASP B 208 -4.50 23.77 27.95
N SER B 209 -3.77 23.33 26.93
CA SER B 209 -3.01 24.25 26.09
C SER B 209 -3.71 24.58 24.77
N HIS B 210 -4.88 24.01 24.52
CA HIS B 210 -5.58 24.26 23.25
C HIS B 210 -6.96 24.82 23.54
N PRO B 211 -7.22 26.09 23.24
CA PRO B 211 -8.57 26.64 23.43
C PRO B 211 -9.64 25.91 22.63
N MET B 212 -9.31 25.44 21.42
CA MET B 212 -10.31 24.76 20.61
C MET B 212 -10.66 23.39 21.14
N LEU B 213 -9.78 22.81 21.98
CA LEU B 213 -10.12 21.55 22.63
C LEU B 213 -10.94 21.78 23.89
N GLN B 214 -10.64 22.86 24.61
CA GLN B 214 -11.40 23.20 25.80
C GLN B 214 -12.85 23.53 25.45
N ASP B 215 -13.06 24.40 24.46
CA ASP B 215 -14.44 24.76 24.12
C ASP B 215 -15.15 23.66 23.33
N GLY B 216 -14.44 22.60 22.95
CA GLY B 216 -15.07 21.48 22.28
C GLY B 216 -15.30 21.67 20.80
N SER B 217 -14.60 22.60 20.16
CA SER B 217 -14.73 22.76 18.72
C SER B 217 -13.81 21.83 17.94
N ARG B 218 -12.84 21.19 18.60
CA ARG B 218 -11.96 20.20 17.97
C ARG B 218 -11.82 19.01 18.90
N SER B 219 -11.15 17.96 18.43
CA SER B 219 -11.11 16.69 19.13
C SER B 219 -9.69 16.24 19.43
N ILE B 220 -9.58 15.38 20.45
CA ILE B 220 -8.36 14.64 20.74
C ILE B 220 -8.51 13.25 20.14
N LEU B 221 -7.58 12.86 19.29
CA LEU B 221 -7.59 11.52 18.70
C LEU B 221 -6.53 10.70 19.42
N VAL B 222 -6.94 9.58 20.00
CA VAL B 222 -6.06 8.71 20.78
C VAL B 222 -5.74 7.48 19.93
N SER B 223 -4.44 7.21 19.76
CA SER B 223 -3.99 6.11 18.91
C SER B 223 -3.27 5.07 19.75
N VAL B 224 -3.79 3.83 19.71
CA VAL B 224 -3.20 2.72 20.45
C VAL B 224 -3.21 1.47 19.57
N GLU B 225 -2.40 0.49 19.97
CA GLU B 225 -2.49 -0.87 19.48
C GLU B 225 -3.14 -1.73 20.55
N SER B 226 -4.01 -2.65 20.14
CA SER B 226 -4.63 -3.52 21.14
C SER B 226 -3.64 -4.56 21.65
N VAL B 227 -2.78 -5.07 20.76
CA VAL B 227 -1.66 -5.94 21.13
C VAL B 227 -0.43 -5.38 20.44
N TYR B 228 0.64 -5.18 21.20
CA TYR B 228 1.81 -4.48 20.67
C TYR B 228 2.83 -5.43 20.06
N SER B 229 3.21 -5.13 18.80
CA SER B 229 3.98 -6.05 17.96
C SER B 229 5.30 -6.46 18.59
N MET B 230 5.99 -5.51 19.25
CA MET B 230 7.35 -5.76 19.72
C MET B 230 7.43 -6.12 21.20
N ASP B 231 6.38 -5.87 21.97
CA ASP B 231 6.40 -6.09 23.40
C ASP B 231 5.40 -7.14 23.89
N GLY B 232 4.31 -7.36 23.16
CA GLY B 232 3.36 -8.38 23.50
C GLY B 232 2.39 -8.05 24.61
N ASP B 233 2.43 -6.83 25.16
CA ASP B 233 1.46 -6.43 26.16
C ASP B 233 0.20 -5.88 25.49
N VAL B 234 -0.80 -5.58 26.32
CA VAL B 234 -2.16 -5.31 25.87
C VAL B 234 -2.54 -3.90 26.28
N CYS B 235 -3.32 -3.24 25.45
CA CYS B 235 -3.73 -1.88 25.76
C CYS B 235 -4.77 -1.90 26.87
N PRO B 236 -4.59 -1.11 27.93
CA PRO B 236 -5.66 -0.93 28.92
C PRO B 236 -6.77 -0.04 28.37
N LEU B 237 -7.57 -0.57 27.46
CA LEU B 237 -8.52 0.26 26.72
C LEU B 237 -9.60 0.84 27.62
N VAL B 238 -10.18 -0.01 28.49
CA VAL B 238 -11.27 0.46 29.36
C VAL B 238 -10.79 1.60 30.26
N GLU B 239 -9.61 1.43 30.86
CA GLU B 239 -9.07 2.46 31.75
C GLU B 239 -8.75 3.74 30.99
N MET B 240 -8.24 3.62 29.75
CA MET B 240 -7.95 4.81 28.97
C MET B 240 -9.21 5.55 28.54
N LEU B 241 -10.31 4.81 28.35
CA LEU B 241 -11.56 5.45 27.96
C LEU B 241 -12.15 6.25 29.12
N GLU B 242 -12.04 5.72 30.34
CA GLU B 242 -12.53 6.48 31.50
C GLU B 242 -11.72 7.75 31.72
N ILE B 243 -10.40 7.66 31.52
CA ILE B 243 -9.55 8.85 31.63
C ILE B 243 -9.93 9.88 30.56
N ALA B 244 -10.12 9.42 29.32
CA ALA B 244 -10.50 10.33 28.24
C ALA B 244 -11.79 11.07 28.56
N ARG B 245 -12.77 10.38 29.16
CA ARG B 245 -14.05 11.01 29.48
C ARG B 245 -13.91 12.02 30.60
N GLU B 246 -12.96 11.80 31.52
CA GLU B 246 -12.74 12.75 32.61
C GLU B 246 -12.09 14.04 32.11
N ILE B 247 -11.07 13.92 31.24
CA ILE B 247 -10.38 15.08 30.70
C ILE B 247 -11.20 15.80 29.63
N CYS B 248 -12.12 15.10 28.97
CA CYS B 248 -12.91 15.65 27.87
C CYS B 248 -14.38 15.52 28.24
N PRO B 249 -14.86 16.37 29.15
CA PRO B 249 -16.26 16.25 29.59
C PRO B 249 -17.24 16.47 28.46
N LYS B 250 -16.89 17.30 27.47
CA LYS B 250 -17.75 17.52 26.32
C LYS B 250 -17.70 16.37 25.32
N GLY B 251 -16.89 15.34 25.59
CA GLY B 251 -16.82 14.17 24.74
C GLY B 251 -16.13 14.35 23.42
N ASN B 252 -15.28 15.37 23.28
CA ASN B 252 -14.62 15.67 22.01
C ASN B 252 -13.32 14.89 21.91
N PHE B 253 -13.46 13.56 21.82
CA PHE B 253 -12.33 12.67 21.63
C PHE B 253 -12.76 11.46 20.82
N ALA B 254 -11.76 10.73 20.31
CA ALA B 254 -12.02 9.52 19.55
C ALA B 254 -10.80 8.62 19.64
N PHE B 255 -11.06 7.33 19.89
CA PHE B 255 -9.99 6.34 19.93
C PHE B 255 -9.84 5.68 18.57
N ILE B 256 -8.61 5.28 18.27
CA ILE B 256 -8.30 4.47 17.09
C ILE B 256 -7.47 3.28 17.57
N ALA B 257 -7.99 2.08 17.38
CA ALA B 257 -7.37 0.87 17.90
C ALA B 257 -6.84 0.02 16.74
N ASP B 258 -5.53 -0.17 16.72
CA ASP B 258 -4.87 -1.03 15.73
C ASP B 258 -4.85 -2.45 16.32
N GLU B 259 -5.68 -3.34 15.77
CA GLU B 259 -5.80 -4.72 16.25
C GLU B 259 -5.02 -5.72 15.41
N ALA B 260 -3.94 -5.29 14.75
CA ALA B 260 -3.18 -6.21 13.89
C ALA B 260 -2.85 -7.53 14.60
N HIS B 261 -2.41 -7.48 15.84
CA HIS B 261 -2.03 -8.71 16.54
C HIS B 261 -3.10 -9.20 17.52
N ALA B 262 -4.34 -8.70 17.38
CA ALA B 262 -5.44 -9.22 18.17
C ALA B 262 -6.39 -10.12 17.38
N THR B 263 -6.82 -9.69 16.19
CA THR B 263 -7.76 -10.48 15.39
C THR B 263 -7.30 -11.93 15.27
N GLY B 264 -8.23 -12.85 15.47
CA GLY B 264 -7.95 -14.28 15.41
C GLY B 264 -7.31 -14.86 16.64
N VAL B 265 -6.67 -14.03 17.48
CA VAL B 265 -5.98 -14.51 18.67
C VAL B 265 -6.78 -14.25 19.94
N VAL B 266 -7.46 -13.11 20.00
CA VAL B 266 -8.08 -12.59 21.22
C VAL B 266 -9.59 -12.51 21.02
N GLY B 267 -10.34 -12.91 22.04
CA GLY B 267 -11.80 -12.85 21.99
C GLY B 267 -12.46 -14.08 21.39
N PRO B 268 -13.79 -14.17 21.52
CA PRO B 268 -14.51 -15.33 20.99
C PRO B 268 -14.53 -15.32 19.47
N ARG B 269 -14.14 -16.46 18.88
CA ARG B 269 -13.99 -16.62 17.43
C ARG B 269 -13.00 -15.62 16.84
N GLY B 270 -12.11 -15.06 17.67
CA GLY B 270 -11.07 -14.18 17.18
C GLY B 270 -11.51 -12.77 16.85
N VAL B 271 -12.58 -12.27 17.48
CA VAL B 271 -13.10 -10.94 17.16
C VAL B 271 -12.14 -9.84 17.57
N GLY B 272 -11.20 -10.12 18.46
CA GLY B 272 -10.22 -9.13 18.87
C GLY B 272 -10.60 -8.47 20.17
N LEU B 273 -9.73 -7.54 20.59
CA LEU B 273 -9.80 -6.98 21.94
C LEU B 273 -10.98 -6.03 22.10
N VAL B 274 -11.25 -5.19 21.10
CA VAL B 274 -12.33 -4.20 21.23
C VAL B 274 -13.67 -4.90 21.47
N LYS B 275 -14.01 -5.86 20.61
CA LYS B 275 -15.26 -6.59 20.76
C LYS B 275 -15.27 -7.41 22.06
N LEU B 276 -14.11 -7.98 22.42
CA LEU B 276 -14.02 -8.77 23.64
C LEU B 276 -14.41 -7.93 24.87
N LEU B 277 -14.03 -6.66 24.87
CA LEU B 277 -14.32 -5.77 25.98
C LEU B 277 -15.66 -5.08 25.83
N GLY B 278 -16.43 -5.42 24.79
CA GLY B 278 -17.72 -4.78 24.57
C GLY B 278 -17.62 -3.29 24.28
N LEU B 279 -16.50 -2.85 23.73
CA LEU B 279 -16.25 -1.43 23.46
C LEU B 279 -16.52 -1.05 22.00
N GLU B 280 -17.23 -1.89 21.24
CA GLU B 280 -17.39 -1.66 19.80
C GLU B 280 -18.09 -0.34 19.51
N ASN B 281 -18.91 0.17 20.42
CA ASN B 281 -19.55 1.46 20.23
C ASN B 281 -18.83 2.59 20.95
N GLU B 282 -17.75 2.29 21.66
CA GLU B 282 -16.92 3.28 22.32
C GLU B 282 -15.64 3.62 21.56
N VAL B 283 -15.30 2.85 20.52
CA VAL B 283 -14.06 3.06 19.76
C VAL B 283 -14.45 3.50 18.36
N ALA B 284 -14.14 4.77 18.04
CA ALA B 284 -14.57 5.35 16.77
C ALA B 284 -13.98 4.60 15.57
N ILE B 285 -12.71 4.22 15.65
CA ILE B 285 -12.05 3.62 14.49
C ILE B 285 -11.27 2.39 14.91
N ARG B 286 -11.44 1.31 14.16
CA ARG B 286 -10.70 0.08 14.41
C ARG B 286 -10.02 -0.36 13.13
N LEU B 287 -8.83 -0.92 13.28
CA LEU B 287 -8.11 -1.52 12.16
C LEU B 287 -7.85 -2.99 12.48
N ASN B 288 -8.39 -3.88 11.65
CA ASN B 288 -8.13 -5.31 11.74
C ASN B 288 -7.45 -5.72 10.44
N THR B 289 -6.28 -6.35 10.58
CA THR B 289 -5.42 -6.69 9.45
C THR B 289 -5.40 -8.20 9.24
N CYS B 290 -4.98 -8.61 8.03
CA CYS B 290 -5.04 -10.01 7.62
C CYS B 290 -3.69 -10.71 7.55
N GLY B 291 -2.60 -9.99 7.79
CA GLY B 291 -1.28 -10.56 7.54
C GLY B 291 -0.69 -11.41 8.62
N LYS B 292 -1.38 -11.61 9.74
CA LYS B 292 -0.80 -12.38 10.83
C LYS B 292 -1.69 -13.61 11.05
N ALA B 293 -2.57 -13.62 12.04
CA ALA B 293 -3.37 -14.81 12.30
C ALA B 293 -4.23 -15.18 11.08
N LEU B 294 -4.65 -14.20 10.28
CA LEU B 294 -5.54 -14.50 9.16
C LEU B 294 -4.79 -15.02 7.93
N ALA B 295 -3.46 -15.08 7.98
CA ALA B 295 -2.63 -15.87 7.08
C ALA B 295 -2.70 -15.40 5.63
N CYS B 296 -2.98 -14.13 5.38
CA CYS B 296 -2.85 -13.60 4.01
C CYS B 296 -2.34 -12.16 4.04
N THR B 297 -2.99 -11.26 3.31
CA THR B 297 -2.69 -9.84 3.33
C THR B 297 -4.00 -9.06 3.23
N GLY B 298 -3.92 -7.77 3.57
CA GLY B 298 -5.04 -6.85 3.52
C GLY B 298 -5.41 -6.32 4.90
N SER B 299 -6.50 -5.55 4.93
CA SER B 299 -7.05 -5.08 6.21
C SER B 299 -8.41 -4.45 5.96
N VAL B 300 -9.12 -4.19 7.06
CA VAL B 300 -10.33 -3.38 7.00
C VAL B 300 -10.24 -2.33 8.09
N VAL B 301 -10.79 -1.15 7.80
CA VAL B 301 -11.00 -0.09 8.79
C VAL B 301 -12.48 -0.09 9.15
N LEU B 302 -12.77 -0.14 10.46
CA LEU B 302 -14.14 -0.22 10.97
C LEU B 302 -14.57 1.13 11.54
N GLY B 303 -15.81 1.50 11.26
CA GLY B 303 -16.38 2.73 11.79
C GLY B 303 -17.75 2.98 11.18
N ASN B 304 -18.32 4.13 11.52
CA ASN B 304 -19.64 4.43 10.98
C ASN B 304 -19.50 4.95 9.54
N ALA B 305 -20.64 5.25 8.92
CA ALA B 305 -20.62 5.69 7.52
C ALA B 305 -19.87 7.00 7.35
N THR B 306 -19.91 7.87 8.37
CA THR B 306 -19.16 9.12 8.29
C THR B 306 -17.66 8.86 8.19
N VAL B 307 -17.12 7.98 9.04
CA VAL B 307 -15.69 7.64 8.96
C VAL B 307 -15.35 7.04 7.60
N ARG B 308 -16.18 6.09 7.13
CA ARG B 308 -15.93 5.42 5.85
C ARG B 308 -15.89 6.43 4.70
N ASN B 309 -16.83 7.38 4.68
CA ASN B 309 -16.88 8.35 3.61
C ASN B 309 -15.74 9.35 3.68
N MET B 310 -15.23 9.61 4.88
CA MET B 310 -14.06 10.47 5.04
C MET B 310 -12.84 9.81 4.41
N LEU B 311 -12.66 8.52 4.65
CA LEU B 311 -11.56 7.78 4.02
C LEU B 311 -11.68 7.81 2.51
N LEU B 312 -12.89 7.58 1.98
CA LEU B 312 -13.06 7.53 0.54
C LEU B 312 -12.79 8.87 -0.12
N ASN B 313 -12.91 9.98 0.61
CA ASN B 313 -12.81 11.30 -0.02
C ASN B 313 -11.54 12.05 0.33
N TYR B 314 -10.93 11.80 1.49
CA TYR B 314 -9.76 12.55 1.90
C TYR B 314 -8.50 11.73 2.07
N ALA B 315 -8.53 10.41 1.86
CA ALA B 315 -7.32 9.61 1.96
C ALA B 315 -6.73 9.51 0.56
N GLY B 316 -5.82 10.43 0.23
CA GLY B 316 -5.23 10.43 -1.10
C GLY B 316 -4.61 9.10 -1.47
N SER B 317 -4.05 8.39 -0.50
CA SER B 317 -3.39 7.11 -0.76
C SER B 317 -4.38 6.09 -1.32
N LEU B 318 -5.60 6.08 -0.79
CA LEU B 318 -6.61 5.14 -1.23
C LEU B 318 -7.24 5.58 -2.55
N VAL B 319 -7.47 6.88 -2.71
CA VAL B 319 -8.11 7.39 -3.91
C VAL B 319 -7.29 7.07 -5.14
N ASN B 320 -5.95 7.12 -5.01
CA ASN B 320 -5.08 7.04 -6.17
C ASN B 320 -4.46 5.64 -6.36
N THR B 321 -5.08 4.58 -5.84
CA THR B 321 -4.57 3.20 -6.01
C THR B 321 -5.69 2.27 -6.48
N THR B 322 -5.32 1.20 -7.18
CA THR B 322 -6.29 0.26 -7.73
C THR B 322 -7.00 -0.51 -6.62
N ALA B 323 -8.33 -0.65 -6.75
CA ALA B 323 -9.10 -1.39 -5.76
C ALA B 323 -8.73 -2.88 -5.77
N PRO B 324 -8.95 -3.59 -4.66
CA PRO B 324 -8.58 -5.00 -4.58
C PRO B 324 -9.21 -5.87 -5.67
N SER B 325 -8.44 -6.84 -6.16
CA SER B 325 -8.99 -7.79 -7.12
C SER B 325 -9.93 -8.77 -6.42
N PHE B 326 -10.71 -9.50 -7.22
CA PHE B 326 -11.59 -10.52 -6.65
C PHE B 326 -10.86 -11.56 -5.82
N PRO B 327 -9.76 -12.16 -6.28
CA PRO B 327 -9.06 -13.13 -5.43
C PRO B 327 -8.58 -12.54 -4.10
N SER B 328 -8.15 -11.27 -4.10
CA SER B 328 -7.70 -10.66 -2.85
C SER B 328 -8.86 -10.49 -1.87
N VAL B 329 -10.05 -10.14 -2.35
CA VAL B 329 -11.22 -10.09 -1.47
C VAL B 329 -11.60 -11.49 -1.00
N ALA B 330 -11.61 -12.46 -1.93
CA ALA B 330 -12.08 -13.81 -1.59
C ALA B 330 -11.20 -14.47 -0.52
N VAL B 331 -9.89 -14.21 -0.52
CA VAL B 331 -9.06 -14.86 0.49
C VAL B 331 -9.35 -14.26 1.86
N ILE B 332 -9.67 -12.96 1.90
CA ILE B 332 -10.04 -12.35 3.18
C ILE B 332 -11.38 -12.91 3.66
N ARG B 333 -12.36 -13.04 2.75
CA ARG B 333 -13.62 -13.65 3.14
C ARG B 333 -13.41 -15.07 3.69
N ALA B 334 -12.53 -15.84 3.06
CA ALA B 334 -12.24 -17.21 3.50
C ALA B 334 -11.70 -17.22 4.93
N ALA B 335 -10.77 -16.31 5.25
CA ALA B 335 -10.27 -16.21 6.61
C ALA B 335 -11.40 -15.92 7.60
N TYR B 336 -12.27 -14.97 7.27
CA TYR B 336 -13.37 -14.63 8.18
C TYR B 336 -14.43 -15.74 8.23
N ASN B 337 -14.70 -16.40 7.10
CA ASN B 337 -15.50 -17.63 7.09
C ASN B 337 -15.05 -18.59 8.17
N LEU B 338 -13.74 -18.92 8.18
CA LEU B 338 -13.21 -19.90 9.12
C LEU B 338 -13.35 -19.42 10.55
N MET B 339 -13.16 -18.13 10.78
CA MET B 339 -13.34 -17.59 12.11
C MET B 339 -14.81 -17.62 12.51
N ARG B 340 -15.68 -17.07 11.66
CA ARG B 340 -17.08 -16.92 12.03
C ARG B 340 -17.76 -18.25 12.31
N THR B 341 -17.34 -19.31 11.64
CA THR B 341 -17.95 -20.63 11.83
C THR B 341 -17.31 -21.43 12.95
N GLY B 342 -16.38 -20.83 13.70
CA GLY B 342 -15.74 -21.52 14.79
C GLY B 342 -14.60 -22.45 14.40
N ALA B 343 -14.28 -22.54 13.10
CA ALA B 343 -13.20 -23.42 12.65
C ALA B 343 -11.83 -23.05 13.22
N THR B 344 -11.67 -21.85 13.80
CA THR B 344 -10.37 -21.44 14.32
C THR B 344 -10.27 -21.51 15.84
N GLN B 345 -11.33 -21.89 16.55
CA GLN B 345 -11.36 -21.73 18.00
C GLN B 345 -10.39 -22.71 18.70
N LYS B 346 -10.28 -23.94 18.17
CA LYS B 346 -9.32 -24.88 18.76
C LYS B 346 -7.88 -24.39 18.61
N ALA B 347 -7.54 -23.87 17.43
CA ALA B 347 -6.22 -23.29 17.23
C ALA B 347 -6.01 -22.09 18.14
N GLN B 348 -6.98 -21.17 18.18
CA GLN B 348 -6.88 -20.03 19.09
C GLN B 348 -6.67 -20.49 20.52
N ASP B 349 -7.34 -21.56 20.93
CA ASP B 349 -7.16 -22.04 22.30
C ASP B 349 -5.80 -22.66 22.49
N ASN B 350 -5.24 -23.29 21.44
CA ASN B 350 -3.94 -23.91 21.60
C ASN B 350 -2.83 -22.88 21.77
N ILE B 351 -2.98 -21.69 21.17
CA ILE B 351 -2.02 -20.62 21.44
C ILE B 351 -1.97 -20.34 22.93
N GLN B 352 -3.13 -20.11 23.55
CA GLN B 352 -3.20 -19.88 24.99
C GLN B 352 -2.51 -20.99 25.76
N HIS B 353 -2.83 -22.24 25.42
CA HIS B 353 -2.22 -23.37 26.12
C HIS B 353 -0.71 -23.38 25.96
N LEU B 354 -0.23 -23.25 24.71
CA LEU B 354 1.22 -23.35 24.47
C LEU B 354 1.97 -22.21 25.15
N VAL B 355 1.42 -20.98 25.11
CA VAL B 355 2.13 -19.84 25.69
C VAL B 355 2.25 -20.01 27.20
N LYS B 356 1.14 -20.35 27.86
CA LYS B 356 1.19 -20.57 29.30
C LYS B 356 2.08 -21.76 29.63
N TYR B 357 2.01 -22.82 28.82
CA TYR B 357 2.93 -23.93 28.95
C TYR B 357 4.37 -23.46 28.93
N PHE B 358 4.71 -22.54 28.03
CA PHE B 358 6.07 -22.01 28.00
C PHE B 358 6.36 -21.19 29.25
N PHE B 359 5.41 -20.36 29.68
CA PHE B 359 5.64 -19.54 30.86
C PHE B 359 5.89 -20.40 32.10
N GLU B 360 5.11 -21.47 32.27
CA GLU B 360 5.30 -22.32 33.44
C GLU B 360 6.63 -23.06 33.38
N SER B 361 7.00 -23.53 32.19
CA SER B 361 8.23 -24.31 32.06
C SER B 361 9.46 -23.45 32.34
N ILE B 362 9.51 -22.25 31.77
CA ILE B 362 10.73 -21.44 31.87
C ILE B 362 10.87 -20.85 33.26
N THR B 363 9.77 -20.39 33.86
CA THR B 363 9.85 -19.81 35.20
C THR B 363 10.02 -20.85 36.29
N SER B 364 9.83 -22.13 35.96
CA SER B 364 10.09 -23.23 36.90
C SER B 364 11.50 -23.79 36.79
N SER B 365 12.25 -23.42 35.75
CA SER B 365 13.59 -23.95 35.56
C SER B 365 14.48 -23.60 36.75
N ASN B 366 15.50 -24.43 36.96
CA ASN B 366 16.40 -24.24 38.10
C ASN B 366 17.22 -22.97 38.01
N ILE B 367 17.43 -22.44 36.80
CA ILE B 367 18.28 -21.28 36.59
C ILE B 367 17.47 -19.99 36.44
N TRP B 368 16.14 -20.09 36.41
CA TRP B 368 15.32 -18.92 36.10
C TRP B 368 15.55 -17.79 37.09
N ASP B 369 15.60 -18.10 38.39
CA ASP B 369 15.79 -17.05 39.39
C ASP B 369 17.11 -16.32 39.20
N LYS B 370 18.22 -17.07 39.14
CA LYS B 370 19.53 -16.43 39.05
C LYS B 370 19.66 -15.63 37.76
N ALA B 371 19.20 -16.20 36.63
CA ALA B 371 19.36 -15.52 35.35
C ALA B 371 18.54 -14.25 35.28
N THR B 372 17.35 -14.24 35.88
CA THR B 372 16.56 -13.01 35.90
C THR B 372 17.17 -11.98 36.84
N ASP B 373 17.76 -12.44 37.95
CA ASP B 373 18.34 -11.51 38.90
C ASP B 373 19.52 -10.76 38.30
N LEU B 374 20.45 -11.51 37.71
CA LEU B 374 21.67 -10.92 37.17
C LEU B 374 21.45 -10.21 35.84
N GLY B 375 20.24 -10.26 35.28
CA GLY B 375 19.97 -9.63 34.01
C GLY B 375 20.34 -10.46 32.80
N ILE B 376 20.52 -11.77 32.96
CA ILE B 376 20.94 -12.61 31.83
C ILE B 376 19.75 -12.97 30.95
N LEU B 377 18.59 -13.23 31.55
CA LEU B 377 17.35 -13.41 30.80
C LEU B 377 16.29 -12.51 31.42
N SER B 378 15.40 -12.02 30.56
CA SER B 378 14.29 -11.17 31.00
C SER B 378 13.14 -11.41 30.05
N ILE B 379 12.03 -11.92 30.59
CA ILE B 379 10.83 -12.12 29.78
C ILE B 379 9.67 -11.46 30.52
N PRO B 380 9.48 -10.14 30.35
CA PRO B 380 8.44 -9.45 31.13
C PRO B 380 7.03 -10.00 30.95
N VAL B 381 6.66 -10.45 29.75
CA VAL B 381 5.32 -10.98 29.56
C VAL B 381 5.08 -12.22 30.41
N ALA B 382 6.15 -12.90 30.84
CA ALA B 382 6.03 -14.09 31.67
C ALA B 382 5.78 -13.78 33.13
N GLU B 383 5.99 -12.54 33.57
CA GLU B 383 5.72 -12.17 34.95
C GLU B 383 4.24 -11.84 35.12
N ASP B 384 3.60 -12.44 36.12
CA ASP B 384 2.21 -12.19 36.47
C ASP B 384 1.24 -12.59 35.37
N TYR B 385 1.64 -13.49 34.46
CA TYR B 385 0.76 -13.87 33.37
C TYR B 385 -0.54 -14.50 33.87
N GLU B 386 -0.54 -15.04 35.09
CA GLU B 386 -1.72 -15.69 35.63
C GLU B 386 -2.81 -14.70 36.00
N SER B 387 -2.43 -13.46 36.33
CA SER B 387 -3.40 -12.41 36.62
C SER B 387 -4.01 -11.81 35.36
N LEU B 388 -3.82 -12.44 34.22
CA LEU B 388 -4.30 -11.94 32.93
C LEU B 388 -5.47 -12.80 32.46
N ASP B 389 -6.49 -12.15 31.90
CA ASP B 389 -7.59 -12.89 31.31
C ASP B 389 -7.15 -13.72 30.11
N PHE B 390 -6.06 -13.31 29.45
CA PHE B 390 -5.49 -14.05 28.33
C PHE B 390 -4.03 -13.67 28.20
N VAL B 391 -3.27 -14.51 27.50
CA VAL B 391 -1.91 -14.20 27.10
C VAL B 391 -1.91 -13.93 25.60
N THR B 392 -0.79 -13.43 25.08
CA THR B 392 -0.61 -13.22 23.65
C THR B 392 0.49 -14.13 23.12
N HIS B 393 0.52 -14.24 21.79
CA HIS B 393 1.48 -15.08 21.06
C HIS B 393 2.89 -14.49 21.02
N ILE B 394 3.08 -13.24 21.43
CA ILE B 394 4.35 -12.52 21.29
C ILE B 394 5.14 -12.68 22.57
N VAL B 395 6.35 -13.22 22.46
CA VAL B 395 7.21 -13.40 23.63
C VAL B 395 8.57 -12.77 23.35
N PRO B 396 8.75 -11.46 23.58
CA PRO B 396 10.09 -10.88 23.45
C PRO B 396 10.99 -11.35 24.58
N ILE B 397 12.21 -11.74 24.22
CA ILE B 397 13.16 -12.27 25.19
C ILE B 397 14.40 -11.40 25.17
N TRP B 398 14.78 -10.91 26.35
CA TRP B 398 15.88 -9.99 26.51
C TRP B 398 17.06 -10.67 27.19
N THR B 399 18.26 -10.25 26.81
CA THR B 399 19.45 -10.58 27.57
C THR B 399 20.23 -9.27 27.75
N ARG B 400 21.49 -9.35 28.19
CA ARG B 400 22.33 -8.16 28.19
C ARG B 400 22.53 -7.69 26.76
N GLN B 401 22.53 -6.37 26.57
CA GLN B 401 22.63 -5.82 25.22
C GLN B 401 23.87 -6.33 24.50
N LYS B 402 24.97 -6.48 25.23
CA LYS B 402 26.17 -7.06 24.64
C LYS B 402 26.05 -8.57 24.38
N TYR B 403 24.95 -9.20 24.81
CA TYR B 403 24.75 -10.62 24.58
C TYR B 403 23.67 -10.93 23.53
N ASN B 404 23.03 -9.92 22.95
CA ASN B 404 21.80 -10.21 22.20
C ASN B 404 22.09 -11.04 20.96
N TRP B 405 23.09 -10.64 20.15
CA TRP B 405 23.45 -11.44 18.98
C TRP B 405 23.87 -12.84 19.41
N TRP B 406 24.54 -12.95 20.56
CA TRP B 406 24.94 -14.26 21.06
C TRP B 406 23.70 -15.13 21.34
N LEU B 407 22.67 -14.52 21.93
CA LEU B 407 21.43 -15.24 22.17
C LEU B 407 20.81 -15.72 20.86
N PHE B 408 20.71 -14.83 19.88
CA PHE B 408 20.16 -15.21 18.59
C PHE B 408 20.99 -16.31 17.94
N PHE B 409 22.31 -16.14 17.93
CA PHE B 409 23.20 -17.17 17.37
C PHE B 409 23.00 -18.51 18.07
N HIS B 410 22.80 -18.48 19.39
CA HIS B 410 22.59 -19.72 20.13
C HIS B 410 21.30 -20.41 19.70
N LEU B 411 20.21 -19.65 19.63
CA LEU B 411 18.94 -20.20 19.16
C LEU B 411 19.06 -20.68 17.71
N GLN B 412 19.71 -19.88 16.86
CA GLN B 412 19.82 -20.23 15.45
C GLN B 412 20.57 -21.55 15.26
N LEU B 413 21.72 -21.71 15.93
CA LEU B 413 22.49 -22.93 15.77
C LEU B 413 21.83 -24.12 16.45
N ALA B 414 20.90 -23.88 17.37
CA ALA B 414 20.07 -24.94 17.93
C ALA B 414 18.89 -25.28 17.04
N LYS B 415 18.81 -24.68 15.85
CA LYS B 415 17.73 -24.92 14.90
C LYS B 415 16.38 -24.50 15.46
N ILE B 416 16.35 -23.36 16.14
CA ILE B 416 15.13 -22.68 16.55
C ILE B 416 15.10 -21.32 15.88
N ALA B 417 14.12 -21.10 15.00
CA ALA B 417 14.05 -19.84 14.25
C ALA B 417 13.29 -18.80 15.06
N VAL B 418 13.97 -17.69 15.35
CA VAL B 418 13.34 -16.52 15.94
C VAL B 418 13.70 -15.33 15.05
N VAL B 419 13.07 -14.19 15.31
CA VAL B 419 13.42 -12.96 14.61
C VAL B 419 14.27 -12.09 15.54
N PRO B 420 15.47 -11.71 15.13
CA PRO B 420 16.26 -10.77 15.93
C PRO B 420 15.74 -9.37 15.74
N ILE B 421 15.66 -8.62 16.84
CA ILE B 421 15.10 -7.28 16.84
C ILE B 421 16.20 -6.35 17.29
N ASP B 422 16.61 -5.45 16.40
CA ASP B 422 17.76 -4.60 16.66
C ASP B 422 17.64 -3.37 15.79
N TYR B 423 18.52 -2.40 16.05
CA TYR B 423 18.63 -1.23 15.21
C TYR B 423 18.74 -1.65 13.75
N PRO B 424 17.97 -1.05 12.84
CA PRO B 424 17.10 0.13 13.02
C PRO B 424 15.65 -0.12 13.43
N GLN B 425 15.21 -1.34 13.75
CA GLN B 425 13.81 -1.55 14.14
C GLN B 425 13.51 -1.00 15.52
N VAL B 426 14.51 -0.94 16.39
CA VAL B 426 14.40 -0.37 17.74
C VAL B 426 15.66 0.42 18.00
N PRO B 427 15.72 1.28 19.03
CA PRO B 427 16.95 2.04 19.27
C PRO B 427 18.11 1.10 19.56
N LYS B 428 19.31 1.53 19.19
CA LYS B 428 20.51 0.85 19.66
C LYS B 428 20.46 0.70 21.17
N GLY B 429 20.91 -0.46 21.67
CA GLY B 429 20.77 -0.76 23.08
C GLY B 429 19.39 -1.18 23.55
N LYS B 430 18.42 -1.35 22.65
CA LYS B 430 17.12 -1.92 23.00
C LYS B 430 16.85 -3.21 22.25
N SER B 431 17.89 -3.89 21.80
CA SER B 431 17.70 -5.09 20.99
C SER B 431 17.21 -6.26 21.85
N ARG B 432 16.48 -7.16 21.21
CA ARG B 432 15.97 -8.35 21.86
C ARG B 432 15.83 -9.43 20.78
N VAL B 433 15.25 -10.58 21.14
CA VAL B 433 14.72 -11.49 20.14
C VAL B 433 13.23 -11.62 20.38
N ARG B 434 12.47 -11.92 19.31
CA ARG B 434 11.03 -12.09 19.41
C ARG B 434 10.68 -13.53 19.06
N VAL B 435 10.21 -14.28 20.06
CA VAL B 435 9.64 -15.60 19.84
C VAL B 435 8.15 -15.45 19.57
N MET B 436 7.67 -16.07 18.50
CA MET B 436 6.24 -16.15 18.20
C MET B 436 5.77 -17.58 18.44
N ILE B 437 4.77 -17.74 19.30
CA ILE B 437 4.15 -19.04 19.56
C ILE B 437 2.92 -19.17 18.67
N HIS B 438 2.86 -20.25 17.90
CA HIS B 438 1.78 -20.47 16.95
C HIS B 438 0.91 -21.63 17.41
N ALA B 439 -0.28 -21.73 16.79
CA ALA B 439 -1.22 -22.79 17.15
C ALA B 439 -0.69 -24.15 16.77
N GLY B 440 0.10 -24.25 15.70
CA GLY B 440 0.69 -25.48 15.21
C GLY B 440 2.01 -25.86 15.84
N ASN B 441 2.52 -25.06 16.77
CA ASN B 441 3.67 -25.51 17.55
C ASN B 441 3.23 -26.62 18.51
N THR B 442 4.21 -27.27 19.14
CA THR B 442 3.94 -28.41 19.99
C THR B 442 4.63 -28.21 21.34
N GLU B 443 4.15 -28.94 22.34
CA GLU B 443 4.78 -28.92 23.65
C GLU B 443 6.22 -29.41 23.60
N GLU B 444 6.51 -30.39 22.73
CA GLU B 444 7.88 -30.87 22.58
C GLU B 444 8.80 -29.76 22.09
N GLN B 445 8.34 -28.95 21.13
CA GLN B 445 9.11 -27.81 20.66
C GLN B 445 9.33 -26.79 21.78
N VAL B 446 8.28 -26.52 22.57
CA VAL B 446 8.44 -25.61 23.70
C VAL B 446 9.45 -26.16 24.69
N ASP B 447 9.40 -27.47 24.96
CA ASP B 447 10.41 -28.12 25.80
C ASP B 447 11.81 -27.83 25.27
N TYR B 448 12.00 -27.99 23.95
CA TYR B 448 13.32 -27.79 23.37
C TYR B 448 13.73 -26.31 23.43
N LEU B 449 12.77 -25.40 23.27
CA LEU B 449 13.07 -23.98 23.41
C LEU B 449 13.51 -23.65 24.83
N VAL B 450 12.82 -24.20 25.83
CA VAL B 450 13.14 -23.90 27.22
C VAL B 450 14.50 -24.47 27.61
N ALA B 451 14.76 -25.72 27.24
CA ALA B 451 16.08 -26.30 27.48
C ALA B 451 17.17 -25.47 26.82
N THR B 452 16.97 -25.14 25.54
CA THR B 452 17.96 -24.35 24.81
C THR B 452 18.20 -23.00 25.49
N LEU B 453 17.12 -22.34 25.93
CA LEU B 453 17.29 -21.08 26.64
C LEU B 453 18.06 -21.27 27.94
N CYS B 454 17.78 -22.35 28.66
CA CYS B 454 18.46 -22.60 29.92
C CYS B 454 19.93 -22.91 29.72
N ASP B 455 20.28 -23.61 28.62
CA ASP B 455 21.69 -23.79 28.30
C ASP B 455 22.39 -22.45 28.17
N PHE B 456 21.82 -21.56 27.36
CA PHE B 456 22.43 -20.25 27.16
C PHE B 456 22.57 -19.49 28.48
N ALA B 457 21.53 -19.54 29.31
CA ALA B 457 21.60 -18.86 30.60
C ALA B 457 22.73 -19.42 31.46
N ASN B 458 22.89 -20.75 31.47
CA ASN B 458 23.96 -21.37 32.25
C ASN B 458 25.33 -20.98 31.72
N GLU B 459 25.50 -21.02 30.39
CA GLU B 459 26.79 -20.70 29.82
C GLU B 459 27.23 -19.29 30.20
N MET B 460 26.28 -18.35 30.27
CA MET B 460 26.64 -16.98 30.62
C MET B 460 26.90 -16.82 32.11
N ILE B 461 26.11 -17.50 32.95
CA ILE B 461 26.35 -17.48 34.39
C ILE B 461 27.74 -18.05 34.70
N ASP B 462 28.14 -19.10 33.98
CA ASP B 462 29.47 -19.67 34.18
C ASP B 462 30.56 -18.68 33.75
N ILE B 463 30.36 -17.99 32.63
CA ILE B 463 31.38 -17.06 32.15
C ILE B 463 31.54 -15.88 33.12
N GLU B 464 30.43 -15.34 33.62
CA GLU B 464 30.50 -14.18 34.50
C GLU B 464 31.12 -14.50 35.85
N GLU B 465 31.11 -15.75 36.28
CA GLU B 465 31.63 -16.15 37.58
C GLU B 465 33.06 -16.71 37.48
N GLY B 466 33.77 -16.43 36.39
CA GLY B 466 35.13 -16.88 36.23
C GLY B 466 36.12 -15.75 35.99
N ILE B 472 33.72 -15.91 25.48
CA ILE B 472 32.74 -15.99 24.40
C ILE B 472 32.00 -17.33 24.44
N PRO B 473 30.67 -17.28 24.39
CA PRO B 473 29.86 -18.50 24.38
C PRO B 473 30.10 -19.33 23.12
N LYS B 474 29.75 -20.62 23.21
CA LYS B 474 30.11 -21.57 22.15
C LYS B 474 29.46 -21.23 20.82
N ALA B 475 28.20 -20.79 20.84
CA ALA B 475 27.52 -20.50 19.58
C ALA B 475 28.14 -19.30 18.89
N ALA B 476 28.50 -18.27 19.67
CA ALA B 476 29.15 -17.11 19.11
C ALA B 476 30.53 -17.47 18.57
N GLN B 477 31.31 -18.26 19.34
CA GLN B 477 32.57 -18.79 18.83
C GLN B 477 32.40 -19.40 17.45
N GLU B 478 31.29 -20.11 17.25
CA GLU B 478 31.05 -20.76 15.96
C GLU B 478 30.75 -19.76 14.86
N ILE B 479 29.91 -18.76 15.14
CA ILE B 479 29.62 -17.74 14.13
C ILE B 479 30.87 -16.91 13.84
N TYR B 480 31.62 -16.54 14.89
CA TYR B 480 32.85 -15.76 14.70
C TYR B 480 33.90 -16.54 13.93
N ALA B 481 33.89 -17.87 14.06
CA ALA B 481 34.76 -18.71 13.23
C ALA B 481 34.34 -18.62 11.77
N LEU B 482 33.03 -18.63 11.50
CA LEU B 482 32.55 -18.49 10.13
C LEU B 482 32.95 -17.14 9.54
N MET B 483 32.85 -16.08 10.35
CA MET B 483 33.26 -14.76 9.88
C MET B 483 34.73 -14.76 9.49
N ALA B 484 35.59 -15.27 10.37
CA ALA B 484 37.02 -15.38 10.06
C ALA B 484 37.28 -16.22 8.81
N ALA B 485 36.34 -17.07 8.41
CA ALA B 485 36.45 -17.80 7.16
C ALA B 485 35.84 -16.99 6.02
#